data_4M3I
# 
_entry.id   4M3I 
# 
_audit_conform.dict_name       mmcif_pdbx.dic 
_audit_conform.dict_version    5.387 
_audit_conform.dict_location   http://mmcif.pdb.org/dictionaries/ascii/mmcif_pdbx.dic 
# 
loop_
_database_2.database_id 
_database_2.database_code 
_database_2.pdbx_database_accession 
_database_2.pdbx_DOI 
PDB   4M3I         pdb_00004m3i 10.2210/pdb4m3i/pdb 
NDB   NA2685       ?            ?                   
RCSB  RCSB081419   ?            ?                   
WWPDB D_1000081419 ?            ?                   
# 
loop_
_pdbx_audit_revision_history.ordinal 
_pdbx_audit_revision_history.data_content_type 
_pdbx_audit_revision_history.major_revision 
_pdbx_audit_revision_history.minor_revision 
_pdbx_audit_revision_history.revision_date 
1 'Structure model' 1 0 2014-09-24 
2 'Structure model' 1 1 2018-01-24 
3 'Structure model' 1 2 2024-02-28 
# 
_pdbx_audit_revision_details.ordinal             1 
_pdbx_audit_revision_details.revision_ordinal    1 
_pdbx_audit_revision_details.data_content_type   'Structure model' 
_pdbx_audit_revision_details.provider            repository 
_pdbx_audit_revision_details.type                'Initial release' 
_pdbx_audit_revision_details.description         ? 
_pdbx_audit_revision_details.details             ? 
# 
loop_
_pdbx_audit_revision_group.ordinal 
_pdbx_audit_revision_group.revision_ordinal 
_pdbx_audit_revision_group.data_content_type 
_pdbx_audit_revision_group.group 
1 2 'Structure model' 'Database references'  
2 3 'Structure model' 'Data collection'      
3 3 'Structure model' 'Database references'  
4 3 'Structure model' 'Derived calculations' 
# 
loop_
_pdbx_audit_revision_category.ordinal 
_pdbx_audit_revision_category.revision_ordinal 
_pdbx_audit_revision_category.data_content_type 
_pdbx_audit_revision_category.category 
1 2 'Structure model' citation_author 
2 3 'Structure model' chem_comp_atom  
3 3 'Structure model' chem_comp_bond  
4 3 'Structure model' database_2      
5 3 'Structure model' struct_site     
# 
loop_
_pdbx_audit_revision_item.ordinal 
_pdbx_audit_revision_item.revision_ordinal 
_pdbx_audit_revision_item.data_content_type 
_pdbx_audit_revision_item.item 
1 2 'Structure model' '_citation_author.name'               
2 3 'Structure model' '_database_2.pdbx_DOI'                
3 3 'Structure model' '_database_2.pdbx_database_accession' 
4 3 'Structure model' '_struct_site.pdbx_auth_asym_id'      
5 3 'Structure model' '_struct_site.pdbx_auth_comp_id'      
6 3 'Structure model' '_struct_site.pdbx_auth_seq_id'       
# 
_pdbx_database_status.status_code                     REL 
_pdbx_database_status.entry_id                        4M3I 
_pdbx_database_status.recvd_initial_deposition_date   2013-08-06 
_pdbx_database_status.deposit_site                    RCSB 
_pdbx_database_status.process_site                    RCSB 
_pdbx_database_status.status_code_sf                  REL 
_pdbx_database_status.status_code_mr                  ? 
_pdbx_database_status.SG_entry                        ? 
_pdbx_database_status.status_code_cs                  ? 
_pdbx_database_status.methods_development_category    ? 
_pdbx_database_status.pdb_format_compatible           Y 
_pdbx_database_status.status_code_nmr_data            ? 
# 
loop_
_pdbx_database_related.db_name 
_pdbx_database_related.db_id 
_pdbx_database_related.details 
_pdbx_database_related.content_type 
PDB 3UYA 'X-ray crystal structure of the ruthenium complex [Ru(tap)2(dppz)]2+ bound to d(CCGGTACCGG)'                   
unspecified 
PDB 3UYB 'X-ray crystal structure of the ruthenium complex [Ru(tap)2(dppz)]2+ bound to d(TCGGTACCGA)'                   
unspecified 
PDB 3U38 'Intercalation of lambda-[Ru(phen)2(dppz)]2+ into d(CCGGTACCGG)2'                                              
unspecified 
PDB 4E7Y 'Lambda-[Ru(phen)2(dppz)]2+ Bound to CCGGATCCGG'                                                               
unspecified 
PDB 3QRN 'X-ray crystal structure of the ruthenium complex [Ru(tap)2(dppz)]2+ bound to d(TCGGCGCCGA)at high resolution' 
unspecified 
# 
loop_
_audit_author.name 
_audit_author.pdbx_ordinal 
'Niyazi, H.'   1 
'Teixeira, S.' 2 
'Mitchell, E.' 3 
'Forsyth, T.'  4 
'Cardin, C.'   5 
# 
_citation.id                        primary 
_citation.title                     
'X-ray crystal structure of the ruthenium complex [Ru(TAP)2(dppz-{Me2})]2+ bound to d(CCGGTACCGG)' 
_citation.journal_abbrev            'To be Published' 
_citation.journal_volume            ? 
_citation.page_first                ? 
_citation.page_last                 ? 
_citation.year                      ? 
_citation.journal_id_ASTM           ? 
_citation.country                   ? 
_citation.journal_id_ISSN           ? 
_citation.journal_id_CSD            0353 
_citation.book_publisher            ? 
_citation.pdbx_database_id_PubMed   ? 
_citation.pdbx_database_id_DOI      ? 
# 
loop_
_citation_author.citation_id 
_citation_author.name 
_citation_author.ordinal 
_citation_author.identifier_ORCID 
primary 'Niyazi, H.'   1 ? 
primary 'Teixeira, S.' 2 ? 
primary 'Mitchell, E.' 3 ? 
primary 'Forsyth, T.'  4 ? 
primary 'Cardin, C.'   5 ? 
# 
loop_
_entity.id 
_entity.type 
_entity.src_method 
_entity.pdbx_description 
_entity.formula_weight 
_entity.pdbx_number_of_molecules 
_entity.pdbx_ec 
_entity.pdbx_mutation 
_entity.pdbx_fragment 
_entity.details 
1 polymer     syn 'Synthetic DNA CCGGTACCGG' 3045.992 1  ? ? ? ? 
2 non-polymer syn 
"(11,12-dimethyldipyrido[3,2-a:2',3'-c]phenazine-kappa~2~N~4~,N~5~)[bis(pyrazino[2,3-f]quinoxaline-kappa~2~N~1~,N~10~)]ruthenium(2+)" 
775.785  2  ? ? ? ? 
3 non-polymer syn 'BARIUM ION' 137.327  1  ? ? ? ? 
4 water       nat water 18.015   13 ? ? ? ? 
# 
_entity_poly.entity_id                      1 
_entity_poly.type                           polydeoxyribonucleotide 
_entity_poly.nstd_linkage                   no 
_entity_poly.nstd_monomer                   no 
_entity_poly.pdbx_seq_one_letter_code       '(DC)(DC)(DG)(DG)(DT)(DA)(DC)(DC)(DG)(DG)' 
_entity_poly.pdbx_seq_one_letter_code_can   CCGGTACCGG 
_entity_poly.pdbx_strand_id                 A 
_entity_poly.pdbx_target_identifier         ? 
# 
loop_
_pdbx_entity_nonpoly.entity_id 
_pdbx_entity_nonpoly.name 
_pdbx_entity_nonpoly.comp_id 
2 
"(11,12-dimethyldipyrido[3,2-a:2',3'-c]phenazine-kappa~2~N~4~,N~5~)[bis(pyrazino[2,3-f]quinoxaline-kappa~2~N~1~,N~10~)]ruthenium(2+)" 
RML 
3 'BARIUM ION' BA  
4 water HOH 
# 
loop_
_entity_poly_seq.entity_id 
_entity_poly_seq.num 
_entity_poly_seq.mon_id 
_entity_poly_seq.hetero 
1 1  DC n 
1 2  DC n 
1 3  DG n 
1 4  DG n 
1 5  DT n 
1 6  DA n 
1 7  DC n 
1 8  DC n 
1 9  DG n 
1 10 DG n 
# 
_pdbx_entity_src_syn.entity_id              1 
_pdbx_entity_src_syn.pdbx_src_id            1 
_pdbx_entity_src_syn.pdbx_alt_source_flag   sample 
_pdbx_entity_src_syn.pdbx_beg_seq_num       ? 
_pdbx_entity_src_syn.pdbx_end_seq_num       ? 
_pdbx_entity_src_syn.organism_scientific    ? 
_pdbx_entity_src_syn.organism_common_name   ? 
_pdbx_entity_src_syn.ncbi_taxonomy_id       ? 
_pdbx_entity_src_syn.details                'Purchased Synthetic Construct' 
# 
loop_
_chem_comp.id 
_chem_comp.type 
_chem_comp.mon_nstd_flag 
_chem_comp.name 
_chem_comp.pdbx_synonyms 
_chem_comp.formula 
_chem_comp.formula_weight 
BA  non-polymer   . 'BARIUM ION' ?                                                                                'Ba 2' 137.327 
DA  'DNA linking' y "2'-DEOXYADENOSINE-5'-MONOPHOSPHATE" ? 'C10 H14 N5 O6 P'  331.222 
DC  'DNA linking' y "2'-DEOXYCYTIDINE-5'-MONOPHOSPHATE" ? 'C9 H14 N3 O7 P'   307.197 
DG  'DNA linking' y "2'-DEOXYGUANOSINE-5'-MONOPHOSPHATE" ? 'C10 H14 N5 O7 P'  347.221 
DT  'DNA linking' y "THYMIDINE-5'-MONOPHOSPHATE" ?                                                                                
'C10 H15 N2 O8 P'  322.208 
HOH non-polymer   . WATER ?                                                                                'H2 O'             
18.015  
RML non-polymer   . 
"(11,12-dimethyldipyrido[3,2-a:2',3'-c]phenazine-kappa~2~N~4~,N~5~)[bis(pyrazino[2,3-f]quinoxaline-kappa~2~N~1~,N~10~)]ruthenium(2+)" 
'Lambda-[Ru(1,4,5,8-tetraazaphenanthrene)2(11,12-dimethyl-dipyridophenazine)]2+' 'C40 H26 N12 Ru 2' 775.785 
# 
loop_
_pdbx_poly_seq_scheme.asym_id 
_pdbx_poly_seq_scheme.entity_id 
_pdbx_poly_seq_scheme.seq_id 
_pdbx_poly_seq_scheme.mon_id 
_pdbx_poly_seq_scheme.ndb_seq_num 
_pdbx_poly_seq_scheme.pdb_seq_num 
_pdbx_poly_seq_scheme.auth_seq_num 
_pdbx_poly_seq_scheme.pdb_mon_id 
_pdbx_poly_seq_scheme.auth_mon_id 
_pdbx_poly_seq_scheme.pdb_strand_id 
_pdbx_poly_seq_scheme.pdb_ins_code 
_pdbx_poly_seq_scheme.hetero 
A 1 1  DC 1  1  1  DC DC A . n 
A 1 2  DC 2  2  2  DC DC A . n 
A 1 3  DG 3  3  3  DG DG A . n 
A 1 4  DG 4  4  4  DG DG A . n 
A 1 5  DT 5  5  5  DT DT A . n 
A 1 6  DA 6  6  6  DA DA A . n 
A 1 7  DC 7  7  7  DC DC A . n 
A 1 8  DC 8  8  8  DC DC A . n 
A 1 9  DG 9  9  9  DG DG A . n 
A 1 10 DG 10 10 10 DG DG A . n 
# 
loop_
_pdbx_nonpoly_scheme.asym_id 
_pdbx_nonpoly_scheme.entity_id 
_pdbx_nonpoly_scheme.mon_id 
_pdbx_nonpoly_scheme.ndb_seq_num 
_pdbx_nonpoly_scheme.pdb_seq_num 
_pdbx_nonpoly_scheme.auth_seq_num 
_pdbx_nonpoly_scheme.pdb_mon_id 
_pdbx_nonpoly_scheme.auth_mon_id 
_pdbx_nonpoly_scheme.pdb_strand_id 
_pdbx_nonpoly_scheme.pdb_ins_code 
B 2 RML 1  101 11 RML RML A . 
C 2 RML 1  102 12 RML RML A . 
D 3 BA  1  103 13 BA  BA  A . 
E 4 HOH 1  201 1  HOH HOH A . 
E 4 HOH 2  202 2  HOH HOH A . 
E 4 HOH 3  203 3  HOH HOH A . 
E 4 HOH 4  204 4  HOH HOH A . 
E 4 HOH 5  205 5  HOH HOH A . 
E 4 HOH 6  206 14 HOH HOH A . 
E 4 HOH 7  207 15 HOH HOH A . 
E 4 HOH 8  208 17 HOH HOH A . 
E 4 HOH 9  209 22 HOH HOH A . 
E 4 HOH 10 210 23 HOH HOH A . 
E 4 HOH 11 211 24 HOH HOH A . 
E 4 HOH 12 212 25 HOH HOH A . 
E 4 HOH 13 213 26 HOH HOH A . 
# 
loop_
_pdbx_unobs_or_zero_occ_atoms.id 
_pdbx_unobs_or_zero_occ_atoms.PDB_model_num 
_pdbx_unobs_or_zero_occ_atoms.polymer_flag 
_pdbx_unobs_or_zero_occ_atoms.occupancy_flag 
_pdbx_unobs_or_zero_occ_atoms.auth_asym_id 
_pdbx_unobs_or_zero_occ_atoms.auth_comp_id 
_pdbx_unobs_or_zero_occ_atoms.auth_seq_id 
_pdbx_unobs_or_zero_occ_atoms.PDB_ins_code 
_pdbx_unobs_or_zero_occ_atoms.auth_atom_id 
_pdbx_unobs_or_zero_occ_atoms.label_alt_id 
_pdbx_unobs_or_zero_occ_atoms.label_asym_id 
_pdbx_unobs_or_zero_occ_atoms.label_comp_id 
_pdbx_unobs_or_zero_occ_atoms.label_seq_id 
_pdbx_unobs_or_zero_occ_atoms.label_atom_id 
1 1 Y 1 A DC 1 ? "O5'" ? A DC 1 "O5'" 
2 1 Y 1 A DC 1 ? "C5'" ? A DC 1 "C5'" 
3 1 Y 1 A DC 1 ? "C4'" ? A DC 1 "C4'" 
4 1 Y 1 A DC 1 ? "O4'" ? A DC 1 "O4'" 
# 
loop_
_software.name 
_software.classification 
_software.version 
_software.citation_id 
_software.pdbx_ordinal 
MxCuBE 'data collection' .        ? 1 
SHELXS phasing           .        ? 2 
REFMAC refinement        5.7.0029 ? 3 
MOSFLM 'data reduction'  .        ? 4 
SCALA  'data scaling'    .        ? 5 
# 
_cell.entry_id           4M3I 
_cell.length_a           53.279 
_cell.length_b           53.279 
_cell.length_c           33.709 
_cell.angle_alpha        90.00 
_cell.angle_beta         90.00 
_cell.angle_gamma        90.00 
_cell.Z_PDB              8 
_cell.pdbx_unique_axis   ? 
_cell.length_a_esd       ? 
_cell.length_b_esd       ? 
_cell.length_c_esd       ? 
_cell.angle_alpha_esd    ? 
_cell.angle_beta_esd     ? 
_cell.angle_gamma_esd    ? 
# 
_symmetry.entry_id                         4M3I 
_symmetry.space_group_name_H-M             'P 43 21 2' 
_symmetry.pdbx_full_space_group_name_H-M   ? 
_symmetry.cell_setting                     ? 
_symmetry.Int_Tables_number                96 
_symmetry.space_group_name_Hall            ? 
# 
_exptl.entry_id          4M3I 
_exptl.method            'X-RAY DIFFRACTION' 
_exptl.crystals_number   1 
# 
_exptl_crystal.id                    1 
_exptl_crystal.density_meas          ? 
_exptl_crystal.density_Matthews      3.93 
_exptl_crystal.density_percent_sol   68.68 
_exptl_crystal.description           ? 
_exptl_crystal.F_000                 ? 
_exptl_crystal.preparation           ? 
# 
_exptl_crystal_grow.crystal_id      1 
_exptl_crystal_grow.method          'VAPOR DIFFUSION, SITTING DROP' 
_exptl_crystal_grow.temp            293 
_exptl_crystal_grow.temp_details    ? 
_exptl_crystal_grow.pH              7.0 
_exptl_crystal_grow.pdbx_details    
;10ul drop containing 1ul of 4mM-[Ru(TAP)2(dppz-{Me2})]2+, 1ul of 1 mM d(CCGGTACCGG)2, and a 8ul addition containing 12mM spermine, 10% 2-methyl-2,4-pentanediol, 40mM sodium cacodylate pH 7.0, 80mM NaCl and 20mM BaCl2. This was equilibrated against 1ml of 35% 2-methyl-,4-pantanediol.  , VAPOR DIFFUSION, SITTING DROP, temperature 293K
;
_exptl_crystal_grow.pdbx_pH_range   ? 
# 
_diffrn.id                     1 
_diffrn.ambient_temp           100 
_diffrn.ambient_temp_details   ? 
_diffrn.crystal_id             1 
# 
_diffrn_detector.diffrn_id              1 
_diffrn_detector.detector               CCD 
_diffrn_detector.type                   'ADSC QUANTUM 315r' 
_diffrn_detector.pdbx_collection_date   2012-07-10 
_diffrn_detector.details                ? 
# 
_diffrn_radiation.diffrn_id                        1 
_diffrn_radiation.wavelength_id                    1 
_diffrn_radiation.pdbx_monochromatic_or_laue_m_l   M 
_diffrn_radiation.monochromator                    'Si(111)' 
_diffrn_radiation.pdbx_diffrn_protocol             'SINGLE WAVELENGTH' 
_diffrn_radiation.pdbx_scattering_type             x-ray 
# 
_diffrn_radiation_wavelength.id           1 
_diffrn_radiation_wavelength.wavelength   1.03320 
_diffrn_radiation_wavelength.wt           1.0 
# 
_diffrn_source.diffrn_id                   1 
_diffrn_source.source                      SYNCHROTRON 
_diffrn_source.type                        'ESRF BEAMLINE ID23-1' 
_diffrn_source.pdbx_synchrotron_site       ESRF 
_diffrn_source.pdbx_synchrotron_beamline   ID23-1 
_diffrn_source.pdbx_wavelength             ? 
_diffrn_source.pdbx_wavelength_list        1.03320 
# 
_reflns.entry_id                     4M3I 
_reflns.observed_criterion_sigma_I   2.0 
_reflns.observed_criterion_sigma_F   ? 
_reflns.d_resolution_low             53.28 
_reflns.d_resolution_high            2.10 
_reflns.number_obs                   3114 
_reflns.number_all                   ? 
_reflns.percent_possible_obs         ? 
_reflns.pdbx_Rmerge_I_obs            ? 
_reflns.pdbx_Rsym_value              ? 
_reflns.pdbx_netI_over_sigmaI        ? 
_reflns.B_iso_Wilson_estimate        ? 
_reflns.pdbx_redundancy              ? 
_reflns.R_free_details               ? 
_reflns.limit_h_max                  ? 
_reflns.limit_h_min                  ? 
_reflns.limit_k_max                  ? 
_reflns.limit_k_min                  ? 
_reflns.limit_l_max                  ? 
_reflns.limit_l_min                  ? 
_reflns.observed_criterion_F_max     ? 
_reflns.observed_criterion_F_min     ? 
_reflns.pdbx_chi_squared             ? 
_reflns.pdbx_scaling_rejects         ? 
_reflns.pdbx_ordinal                 1 
_reflns.pdbx_diffrn_id               1 
# 
_refine.entry_id                                 4M3I 
_refine.ls_number_reflns_obs                     2774 
_refine.ls_number_reflns_all                     ? 
_refine.pdbx_ls_sigma_I                          ? 
_refine.pdbx_ls_sigma_F                          . 
_refine.pdbx_data_cutoff_high_absF               ? 
_refine.pdbx_data_cutoff_low_absF                ? 
_refine.pdbx_data_cutoff_high_rms_absF           ? 
_refine.ls_d_res_low                             37.67 
_refine.ls_d_res_high                            2.10 
_refine.ls_percent_reflns_obs                    93.89 
_refine.ls_R_factor_obs                          0.25266 
_refine.ls_R_factor_all                          ? 
_refine.ls_R_factor_R_work                       0.25147 
_refine.ls_R_factor_R_free                       0.27743 
_refine.ls_R_factor_R_free_error                 ? 
_refine.ls_R_factor_R_free_error_details         ? 
_refine.ls_percent_reflns_R_free                 4.4 
_refine.ls_number_reflns_R_free                  129 
_refine.ls_number_parameters                     ? 
_refine.ls_number_restraints                     ? 
_refine.occupancy_min                            ? 
_refine.occupancy_max                            ? 
_refine.correlation_coeff_Fo_to_Fc               0.941 
_refine.correlation_coeff_Fo_to_Fc_free          0.908 
_refine.B_iso_mean                               53.991 
_refine.aniso_B[1][1]                            2.73 
_refine.aniso_B[2][2]                            2.73 
_refine.aniso_B[3][3]                            -5.46 
_refine.aniso_B[1][2]                            0.00 
_refine.aniso_B[1][3]                            0.00 
_refine.aniso_B[2][3]                            0.00 
_refine.solvent_model_details                    MASK 
_refine.solvent_model_param_ksol                 ? 
_refine.solvent_model_param_bsol                 ? 
_refine.pdbx_solvent_vdw_probe_radii             1.20 
_refine.pdbx_solvent_ion_probe_radii             0.80 
_refine.pdbx_solvent_shrinkage_radii             0.80 
_refine.pdbx_ls_cross_valid_method               THROUGHOUT 
_refine.details                                  'HYDROGENS HAVE BEEN ADDED IN THE RIDING POSITIONS' 
_refine.pdbx_starting_model                      ? 
_refine.pdbx_method_to_determine_struct          SAD 
_refine.pdbx_isotropic_thermal_model             ? 
_refine.pdbx_stereochemistry_target_values       'MAXIMUM LIKELIHOOD' 
_refine.pdbx_stereochem_target_val_spec_case     ? 
_refine.pdbx_R_Free_selection_details            RANDOM 
_refine.pdbx_overall_ESU_R                       0.252 
_refine.pdbx_overall_ESU_R_Free                  0.205 
_refine.overall_SU_ML                            0.224 
_refine.pdbx_overall_phase_error                 ? 
_refine.overall_SU_B                             10.111 
_refine.overall_SU_R_Cruickshank_DPI             ? 
_refine.ls_redundancy_reflns_obs                 ? 
_refine.B_iso_min                                ? 
_refine.B_iso_max                                ? 
_refine.overall_SU_R_free                        ? 
_refine.ls_wR_factor_R_free                      ? 
_refine.ls_wR_factor_R_work                      ? 
_refine.overall_FOM_free_R_set                   ? 
_refine.overall_FOM_work_R_set                   ? 
_refine.pdbx_diffrn_id                           1 
_refine.pdbx_refine_id                           'X-RAY DIFFRACTION' 
_refine.pdbx_TLS_residual_ADP_flag               ? 
_refine.pdbx_overall_SU_R_free_Cruickshank_DPI   ? 
_refine.pdbx_overall_SU_R_Blow_DPI               ? 
_refine.pdbx_overall_SU_R_free_Blow_DPI          ? 
# 
_refine_hist.pdbx_refine_id                   'X-RAY DIFFRACTION' 
_refine_hist.cycle_id                         LAST 
_refine_hist.pdbx_number_atoms_protein        0 
_refine_hist.pdbx_number_atoms_nucleic_acid   198 
_refine_hist.pdbx_number_atoms_ligand         107 
_refine_hist.number_atoms_solvent             13 
_refine_hist.number_atoms_total               318 
_refine_hist.d_res_high                       2.10 
_refine_hist.d_res_low                        37.67 
# 
loop_
_refine_ls_restr.type 
_refine_ls_restr.dev_ideal 
_refine_ls_restr.dev_ideal_target 
_refine_ls_restr.weight 
_refine_ls_restr.number 
_refine_ls_restr.pdbx_restraint_function 
_refine_ls_restr.pdbx_refine_id 
r_bond_refined_d     0.019 0.014 ? 353 ? 'X-RAY DIFFRACTION' 
r_bond_other_d       0.008 0.020 ? 162 ? 'X-RAY DIFFRACTION' 
r_angle_refined_deg  1.939 1.893 ? 564 ? 'X-RAY DIFFRACTION' 
r_angle_other_deg    2.680 3.000 ? 363 ? 'X-RAY DIFFRACTION' 
r_chiral_restr       0.149 0.200 ? 33  ? 'X-RAY DIFFRACTION' 
r_gen_planes_refined 0.021 0.020 ? 231 ? 'X-RAY DIFFRACTION' 
r_gen_planes_other   0.021 0.020 ? 94  ? 'X-RAY DIFFRACTION' 
# 
_refine_ls_shell.pdbx_total_number_of_bins_used   20 
_refine_ls_shell.d_res_high                       2.100 
_refine_ls_shell.d_res_low                        2.155 
_refine_ls_shell.number_reflns_R_work             180 
_refine_ls_shell.R_factor_R_work                  0.344 
_refine_ls_shell.percent_reflns_obs               89.25 
_refine_ls_shell.R_factor_R_free                  0.385 
_refine_ls_shell.R_factor_R_free_error            ? 
_refine_ls_shell.percent_reflns_R_free            ? 
_refine_ls_shell.number_reflns_R_free             11 
_refine_ls_shell.number_reflns_all                ? 
_refine_ls_shell.R_factor_all                     ? 
_refine_ls_shell.number_reflns_obs                ? 
_refine_ls_shell.redundancy_reflns_obs            ? 
_refine_ls_shell.pdbx_refine_id                   'X-RAY DIFFRACTION' 
# 
_struct.entry_id                  4M3I 
_struct.title                     
'X-ray crystal structure of the ruthenium complex [Ru(TAP)2(dppz-{Me2})]2+ bound to d(CCGGTACCGG)' 
_struct.pdbx_model_details        ? 
_struct.pdbx_CASP_flag            ? 
_struct.pdbx_model_type_details   ? 
# 
_struct_keywords.entry_id        4M3I 
_struct_keywords.pdbx_keywords   DNA 
_struct_keywords.text            'Intercalation, Semi-intercalation, minor-groove binder, light-switch, bending, kinking, DNA' 
# 
loop_
_struct_asym.id 
_struct_asym.pdbx_blank_PDB_chainid_flag 
_struct_asym.pdbx_modified 
_struct_asym.entity_id 
_struct_asym.details 
A N N 1 ? 
B N N 2 ? 
C N N 2 ? 
D N N 3 ? 
E N N 4 ? 
# 
_struct_ref.id                         1 
_struct_ref.db_name                    PDB 
_struct_ref.db_code                    4M3I 
_struct_ref.pdbx_db_accession          4M3I 
_struct_ref.entity_id                  1 
_struct_ref.pdbx_align_begin           ? 
_struct_ref.pdbx_seq_one_letter_code   CCGGTACCGG 
_struct_ref.pdbx_db_isoform            ? 
# 
_struct_ref_seq.align_id                      1 
_struct_ref_seq.ref_id                        1 
_struct_ref_seq.pdbx_PDB_id_code              4M3I 
_struct_ref_seq.pdbx_strand_id                A 
_struct_ref_seq.seq_align_beg                 1 
_struct_ref_seq.pdbx_seq_align_beg_ins_code   ? 
_struct_ref_seq.seq_align_end                 10 
_struct_ref_seq.pdbx_seq_align_end_ins_code   ? 
_struct_ref_seq.pdbx_db_accession             4M3I 
_struct_ref_seq.db_align_beg                  1 
_struct_ref_seq.pdbx_db_align_beg_ins_code    ? 
_struct_ref_seq.db_align_end                  10 
_struct_ref_seq.pdbx_db_align_end_ins_code    ? 
_struct_ref_seq.pdbx_auth_seq_align_beg       1 
_struct_ref_seq.pdbx_auth_seq_align_end       10 
# 
_pdbx_struct_assembly.id                   1 
_pdbx_struct_assembly.details              author_and_software_defined_assembly 
_pdbx_struct_assembly.method_details       PISA 
_pdbx_struct_assembly.oligomeric_details   dimeric 
_pdbx_struct_assembly.oligomeric_count     2 
# 
loop_
_pdbx_struct_assembly_prop.biol_id 
_pdbx_struct_assembly_prop.type 
_pdbx_struct_assembly_prop.value 
_pdbx_struct_assembly_prop.details 
1 'ABSA (A^2)' 970  ? 
1 MORE         -6   ? 
1 'SSA (A^2)'  4490 ? 
# 
_pdbx_struct_assembly_gen.assembly_id       1 
_pdbx_struct_assembly_gen.oper_expression   1,2 
_pdbx_struct_assembly_gen.asym_id_list      A,B,C,D,E 
# 
loop_
_pdbx_struct_oper_list.id 
_pdbx_struct_oper_list.type 
_pdbx_struct_oper_list.name 
_pdbx_struct_oper_list.symmetry_operation 
_pdbx_struct_oper_list.matrix[1][1] 
_pdbx_struct_oper_list.matrix[1][2] 
_pdbx_struct_oper_list.matrix[1][3] 
_pdbx_struct_oper_list.vector[1] 
_pdbx_struct_oper_list.matrix[2][1] 
_pdbx_struct_oper_list.matrix[2][2] 
_pdbx_struct_oper_list.matrix[2][3] 
_pdbx_struct_oper_list.vector[2] 
_pdbx_struct_oper_list.matrix[3][1] 
_pdbx_struct_oper_list.matrix[3][2] 
_pdbx_struct_oper_list.matrix[3][3] 
_pdbx_struct_oper_list.vector[3] 
1 'identity operation'         1_555 x,y,z  1.0000000000  0.0000000000 0.0000000000 0.0000000000 0.0000000000 1.0000000000 0.0000000000 0.0000000000  0.0000000000 0.0000000000 1.0000000000  0.0000000000  
2 'crystal symmetry operation' 7_555 y,x,-z -0.2671857201 0.9385559358 0.2184594845 4.1818821722 0.9385559358 0.2020606978 0.2797931911 -2.8487064677 0.2184594845 0.2797931911 -0.9348749777 -1.7892224226 
# 
_struct_biol.id   1 
# 
loop_
_struct_conn.id 
_struct_conn.conn_type_id 
_struct_conn.pdbx_leaving_atom_flag 
_struct_conn.pdbx_PDB_id 
_struct_conn.ptnr1_label_asym_id 
_struct_conn.ptnr1_label_comp_id 
_struct_conn.ptnr1_label_seq_id 
_struct_conn.ptnr1_label_atom_id 
_struct_conn.pdbx_ptnr1_label_alt_id 
_struct_conn.pdbx_ptnr1_PDB_ins_code 
_struct_conn.pdbx_ptnr1_standard_comp_id 
_struct_conn.ptnr1_symmetry 
_struct_conn.ptnr2_label_asym_id 
_struct_conn.ptnr2_label_comp_id 
_struct_conn.ptnr2_label_seq_id 
_struct_conn.ptnr2_label_atom_id 
_struct_conn.pdbx_ptnr2_label_alt_id 
_struct_conn.pdbx_ptnr2_PDB_ins_code 
_struct_conn.ptnr1_auth_asym_id 
_struct_conn.ptnr1_auth_comp_id 
_struct_conn.ptnr1_auth_seq_id 
_struct_conn.ptnr2_auth_asym_id 
_struct_conn.ptnr2_auth_comp_id 
_struct_conn.ptnr2_auth_seq_id 
_struct_conn.ptnr2_symmetry 
_struct_conn.pdbx_ptnr3_label_atom_id 
_struct_conn.pdbx_ptnr3_label_seq_id 
_struct_conn.pdbx_ptnr3_label_comp_id 
_struct_conn.pdbx_ptnr3_label_asym_id 
_struct_conn.pdbx_ptnr3_label_alt_id 
_struct_conn.pdbx_ptnr3_PDB_ins_code 
_struct_conn.details 
_struct_conn.pdbx_dist_value 
_struct_conn.pdbx_value_order 
_struct_conn.pdbx_role 
metalc1  metalc ? ? A DG 4  O6 ? ? ? 1_555 D BA .  BA ? ? A DG 4  A BA 103 1_555 ? ? ? ? ? ? ?            2.913 ? ? 
metalc2  metalc ? ? A DT 5  O4 ? ? ? 1_555 D BA .  BA ? ? A DT 5  A BA 103 1_555 ? ? ? ? ? ? ?            3.111 ? ? 
hydrog1  hydrog ? ? A DC 1  N3 ? ? ? 1_555 A DG 10 N1 ? ? A DC 1  A DG 10  7_555 ? ? ? ? ? ? WATSON-CRICK ?     ? ? 
hydrog2  hydrog ? ? A DC 1  N4 ? ? ? 1_555 A DG 10 O6 ? ? A DC 1  A DG 10  7_555 ? ? ? ? ? ? WATSON-CRICK ?     ? ? 
hydrog3  hydrog ? ? A DC 1  O2 ? ? ? 1_555 A DG 10 N2 ? ? A DC 1  A DG 10  7_555 ? ? ? ? ? ? WATSON-CRICK ?     ? ? 
hydrog4  hydrog ? ? A DC 2  N3 ? ? ? 1_555 A DG 9  N1 ? ? A DC 2  A DG 9   7_555 ? ? ? ? ? ? WATSON-CRICK ?     ? ? 
hydrog5  hydrog ? ? A DC 2  N4 ? ? ? 1_555 A DG 9  O6 ? ? A DC 2  A DG 9   7_555 ? ? ? ? ? ? WATSON-CRICK ?     ? ? 
hydrog6  hydrog ? ? A DC 2  O2 ? ? ? 1_555 A DG 9  N2 ? ? A DC 2  A DG 9   7_555 ? ? ? ? ? ? WATSON-CRICK ?     ? ? 
hydrog7  hydrog ? ? A DG 3  N1 ? ? ? 1_555 A DC 8  N3 ? ? A DG 3  A DC 8   7_555 ? ? ? ? ? ? WATSON-CRICK ?     ? ? 
hydrog8  hydrog ? ? A DG 3  N2 ? ? ? 1_555 A DC 8  O2 ? ? A DG 3  A DC 8   7_555 ? ? ? ? ? ? WATSON-CRICK ?     ? ? 
hydrog9  hydrog ? ? A DG 3  O6 ? ? ? 1_555 A DC 8  N4 ? ? A DG 3  A DC 8   7_555 ? ? ? ? ? ? WATSON-CRICK ?     ? ? 
hydrog10 hydrog ? ? A DG 4  N1 ? ? ? 1_555 A DC 7  N3 ? ? A DG 4  A DC 7   7_555 ? ? ? ? ? ? WATSON-CRICK ?     ? ? 
hydrog11 hydrog ? ? A DG 4  N2 ? ? ? 1_555 A DC 7  O2 ? ? A DG 4  A DC 7   7_555 ? ? ? ? ? ? WATSON-CRICK ?     ? ? 
hydrog12 hydrog ? ? A DG 4  O6 ? ? ? 1_555 A DC 7  N4 ? ? A DG 4  A DC 7   7_555 ? ? ? ? ? ? WATSON-CRICK ?     ? ? 
hydrog13 hydrog ? ? A DT 5  N3 ? ? ? 1_555 A DA 6  N1 ? ? A DT 5  A DA 6   7_555 ? ? ? ? ? ? WATSON-CRICK ?     ? ? 
hydrog14 hydrog ? ? A DT 5  O4 ? ? ? 1_555 A DA 6  N6 ? ? A DT 5  A DA 6   7_555 ? ? ? ? ? ? WATSON-CRICK ?     ? ? 
hydrog15 hydrog ? ? A DA 6  N1 ? ? ? 1_555 A DT 5  N3 ? ? A DA 6  A DT 5   7_555 ? ? ? ? ? ? WATSON-CRICK ?     ? ? 
hydrog16 hydrog ? ? A DA 6  N6 ? ? ? 1_555 A DT 5  O4 ? ? A DA 6  A DT 5   7_555 ? ? ? ? ? ? WATSON-CRICK ?     ? ? 
hydrog17 hydrog ? ? A DC 7  N3 ? ? ? 1_555 A DG 4  N1 ? ? A DC 7  A DG 4   7_555 ? ? ? ? ? ? WATSON-CRICK ?     ? ? 
hydrog18 hydrog ? ? A DC 7  N4 ? ? ? 1_555 A DG 4  O6 ? ? A DC 7  A DG 4   7_555 ? ? ? ? ? ? WATSON-CRICK ?     ? ? 
hydrog19 hydrog ? ? A DC 7  O2 ? ? ? 1_555 A DG 4  N2 ? ? A DC 7  A DG 4   7_555 ? ? ? ? ? ? WATSON-CRICK ?     ? ? 
hydrog20 hydrog ? ? A DC 8  N3 ? ? ? 1_555 A DG 3  N1 ? ? A DC 8  A DG 3   7_555 ? ? ? ? ? ? WATSON-CRICK ?     ? ? 
hydrog21 hydrog ? ? A DC 8  N4 ? ? ? 1_555 A DG 3  O6 ? ? A DC 8  A DG 3   7_555 ? ? ? ? ? ? WATSON-CRICK ?     ? ? 
hydrog22 hydrog ? ? A DC 8  O2 ? ? ? 1_555 A DG 3  N2 ? ? A DC 8  A DG 3   7_555 ? ? ? ? ? ? WATSON-CRICK ?     ? ? 
hydrog23 hydrog ? ? A DG 9  N1 ? ? ? 1_555 A DC 2  N3 ? ? A DG 9  A DC 2   7_555 ? ? ? ? ? ? WATSON-CRICK ?     ? ? 
hydrog24 hydrog ? ? A DG 9  N2 ? ? ? 1_555 A DC 2  O2 ? ? A DG 9  A DC 2   7_555 ? ? ? ? ? ? WATSON-CRICK ?     ? ? 
hydrog25 hydrog ? ? A DG 9  O6 ? ? ? 1_555 A DC 2  N4 ? ? A DG 9  A DC 2   7_555 ? ? ? ? ? ? WATSON-CRICK ?     ? ? 
hydrog26 hydrog ? ? A DG 10 N1 ? ? ? 1_555 A DC 1  N3 ? ? A DG 10 A DC 1   7_555 ? ? ? ? ? ? WATSON-CRICK ?     ? ? 
hydrog27 hydrog ? ? A DG 10 N2 ? ? ? 1_555 A DC 1  O2 ? ? A DG 10 A DC 1   7_555 ? ? ? ? ? ? WATSON-CRICK ?     ? ? 
hydrog28 hydrog ? ? A DG 10 O6 ? ? ? 1_555 A DC 1  N4 ? ? A DG 10 A DC 1   7_555 ? ? ? ? ? ? WATSON-CRICK ?     ? ? 
# 
loop_
_struct_conn_type.id 
_struct_conn_type.criteria 
_struct_conn_type.reference 
metalc ? ? 
hydrog ? ? 
# 
_pdbx_struct_conn_angle.id                    1 
_pdbx_struct_conn_angle.ptnr1_label_atom_id   O6 
_pdbx_struct_conn_angle.ptnr1_label_alt_id    ? 
_pdbx_struct_conn_angle.ptnr1_label_asym_id   A 
_pdbx_struct_conn_angle.ptnr1_label_comp_id   DG 
_pdbx_struct_conn_angle.ptnr1_label_seq_id    4 
_pdbx_struct_conn_angle.ptnr1_auth_atom_id    ? 
_pdbx_struct_conn_angle.ptnr1_auth_asym_id    A 
_pdbx_struct_conn_angle.ptnr1_auth_comp_id    DG 
_pdbx_struct_conn_angle.ptnr1_auth_seq_id     4 
_pdbx_struct_conn_angle.ptnr1_PDB_ins_code    ? 
_pdbx_struct_conn_angle.ptnr1_symmetry        1_555 
_pdbx_struct_conn_angle.ptnr2_label_atom_id   BA 
_pdbx_struct_conn_angle.ptnr2_label_alt_id    ? 
_pdbx_struct_conn_angle.ptnr2_label_asym_id   D 
_pdbx_struct_conn_angle.ptnr2_label_comp_id   BA 
_pdbx_struct_conn_angle.ptnr2_label_seq_id    . 
_pdbx_struct_conn_angle.ptnr2_auth_atom_id    ? 
_pdbx_struct_conn_angle.ptnr2_auth_asym_id    A 
_pdbx_struct_conn_angle.ptnr2_auth_comp_id    BA 
_pdbx_struct_conn_angle.ptnr2_auth_seq_id     103 
_pdbx_struct_conn_angle.ptnr2_PDB_ins_code    ? 
_pdbx_struct_conn_angle.ptnr2_symmetry        1_555 
_pdbx_struct_conn_angle.ptnr3_label_atom_id   O4 
_pdbx_struct_conn_angle.ptnr3_label_alt_id    ? 
_pdbx_struct_conn_angle.ptnr3_label_asym_id   A 
_pdbx_struct_conn_angle.ptnr3_label_comp_id   DT 
_pdbx_struct_conn_angle.ptnr3_label_seq_id    5 
_pdbx_struct_conn_angle.ptnr3_auth_atom_id    ? 
_pdbx_struct_conn_angle.ptnr3_auth_asym_id    A 
_pdbx_struct_conn_angle.ptnr3_auth_comp_id    DT 
_pdbx_struct_conn_angle.ptnr3_auth_seq_id     5 
_pdbx_struct_conn_angle.ptnr3_PDB_ins_code    ? 
_pdbx_struct_conn_angle.ptnr3_symmetry        1_555 
_pdbx_struct_conn_angle.value                 63.6 
_pdbx_struct_conn_angle.value_esd             ? 
# 
loop_
_struct_site.id 
_struct_site.pdbx_evidence_code 
_struct_site.pdbx_auth_asym_id 
_struct_site.pdbx_auth_comp_id 
_struct_site.pdbx_auth_seq_id 
_struct_site.pdbx_auth_ins_code 
_struct_site.pdbx_num_residues 
_struct_site.details 
AC1 Software A RML 101 ? 9 'BINDING SITE FOR RESIDUE RML A 101' 
AC2 Software A RML 102 ? 6 'BINDING SITE FOR RESIDUE RML A 102' 
AC3 Software A BA  103 ? 3 'BINDING SITE FOR RESIDUE BA A 103'  
# 
loop_
_struct_site_gen.id 
_struct_site_gen.site_id 
_struct_site_gen.pdbx_num_res 
_struct_site_gen.label_comp_id 
_struct_site_gen.label_asym_id 
_struct_site_gen.label_seq_id 
_struct_site_gen.pdbx_auth_ins_code 
_struct_site_gen.auth_comp_id 
_struct_site_gen.auth_asym_id 
_struct_site_gen.auth_seq_id 
_struct_site_gen.label_atom_id 
_struct_site_gen.label_alt_id 
_struct_site_gen.symmetry 
_struct_site_gen.details 
1  AC1 9 DC A 1  ? DC A 1  . ? 3_544 ? 
2  AC1 9 DC A 2  ? DC A 2  . ? 3_544 ? 
3  AC1 9 DG A 3  ? DG A 3  . ? 3_544 ? 
4  AC1 9 DG A 3  ? DG A 3  . ? 1_555 ? 
5  AC1 9 DG A 4  ? DG A 4  . ? 1_555 ? 
6  AC1 9 DC A 7  ? DC A 7  . ? 7_555 ? 
7  AC1 9 DC A 8  ? DC A 8  . ? 7_555 ? 
8  AC1 9 DG A 9  ? DG A 9  . ? 5_544 ? 
9  AC1 9 DG A 10 ? DG A 10 . ? 5_544 ? 
10 AC2 6 DT A 5  ? DT A 5  . ? 7_555 ? 
11 AC2 6 DT A 5  ? DT A 5  . ? 1_555 ? 
12 AC2 6 DA A 6  ? DA A 6  . ? 7_555 ? 
13 AC2 6 DA A 6  ? DA A 6  . ? 1_555 ? 
14 AC2 6 DC A 7  ? DC A 7  . ? 1_555 ? 
15 AC2 6 DC A 7  ? DC A 7  . ? 7_555 ? 
16 AC3 3 DG A 3  ? DG A 3  . ? 1_555 ? 
17 AC3 3 DG A 4  ? DG A 4  . ? 1_555 ? 
18 AC3 3 DT A 5  ? DT A 5  . ? 1_555 ? 
# 
_pdbx_validate_rmsd_bond.id                        1 
_pdbx_validate_rmsd_bond.PDB_model_num             1 
_pdbx_validate_rmsd_bond.auth_atom_id_1            "O3'" 
_pdbx_validate_rmsd_bond.auth_asym_id_1            A 
_pdbx_validate_rmsd_bond.auth_comp_id_1            DG 
_pdbx_validate_rmsd_bond.auth_seq_id_1             9 
_pdbx_validate_rmsd_bond.PDB_ins_code_1            ? 
_pdbx_validate_rmsd_bond.label_alt_id_1            ? 
_pdbx_validate_rmsd_bond.auth_atom_id_2            P 
_pdbx_validate_rmsd_bond.auth_asym_id_2            A 
_pdbx_validate_rmsd_bond.auth_comp_id_2            DG 
_pdbx_validate_rmsd_bond.auth_seq_id_2             10 
_pdbx_validate_rmsd_bond.PDB_ins_code_2            ? 
_pdbx_validate_rmsd_bond.label_alt_id_2            ? 
_pdbx_validate_rmsd_bond.bond_value                1.521 
_pdbx_validate_rmsd_bond.bond_target_value         1.607 
_pdbx_validate_rmsd_bond.bond_deviation            -0.086 
_pdbx_validate_rmsd_bond.bond_standard_deviation   0.012 
_pdbx_validate_rmsd_bond.linker_flag               Y 
# 
loop_
_pdbx_struct_special_symmetry.id 
_pdbx_struct_special_symmetry.PDB_model_num 
_pdbx_struct_special_symmetry.auth_asym_id 
_pdbx_struct_special_symmetry.auth_comp_id 
_pdbx_struct_special_symmetry.auth_seq_id 
_pdbx_struct_special_symmetry.PDB_ins_code 
_pdbx_struct_special_symmetry.label_asym_id 
_pdbx_struct_special_symmetry.label_comp_id 
_pdbx_struct_special_symmetry.label_seq_id 
1 1 A RML 102 ? C RML . 
2 1 A RML 102 ? C RML . 
3 1 A HOH 208 ? E HOH . 
# 
loop_
_chem_comp_atom.comp_id 
_chem_comp_atom.atom_id 
_chem_comp_atom.type_symbol 
_chem_comp_atom.pdbx_aromatic_flag 
_chem_comp_atom.pdbx_stereo_config 
_chem_comp_atom.pdbx_ordinal 
BA  BA     BA N N 1   
DA  OP3    O  N N 2   
DA  P      P  N N 3   
DA  OP1    O  N N 4   
DA  OP2    O  N N 5   
DA  "O5'"  O  N N 6   
DA  "C5'"  C  N N 7   
DA  "C4'"  C  N R 8   
DA  "O4'"  O  N N 9   
DA  "C3'"  C  N S 10  
DA  "O3'"  O  N N 11  
DA  "C2'"  C  N N 12  
DA  "C1'"  C  N R 13  
DA  N9     N  Y N 14  
DA  C8     C  Y N 15  
DA  N7     N  Y N 16  
DA  C5     C  Y N 17  
DA  C6     C  Y N 18  
DA  N6     N  N N 19  
DA  N1     N  Y N 20  
DA  C2     C  Y N 21  
DA  N3     N  Y N 22  
DA  C4     C  Y N 23  
DA  HOP3   H  N N 24  
DA  HOP2   H  N N 25  
DA  "H5'"  H  N N 26  
DA  "H5''" H  N N 27  
DA  "H4'"  H  N N 28  
DA  "H3'"  H  N N 29  
DA  "HO3'" H  N N 30  
DA  "H2'"  H  N N 31  
DA  "H2''" H  N N 32  
DA  "H1'"  H  N N 33  
DA  H8     H  N N 34  
DA  H61    H  N N 35  
DA  H62    H  N N 36  
DA  H2     H  N N 37  
DC  OP3    O  N N 38  
DC  P      P  N N 39  
DC  OP1    O  N N 40  
DC  OP2    O  N N 41  
DC  "O5'"  O  N N 42  
DC  "C5'"  C  N N 43  
DC  "C4'"  C  N R 44  
DC  "O4'"  O  N N 45  
DC  "C3'"  C  N S 46  
DC  "O3'"  O  N N 47  
DC  "C2'"  C  N N 48  
DC  "C1'"  C  N R 49  
DC  N1     N  N N 50  
DC  C2     C  N N 51  
DC  O2     O  N N 52  
DC  N3     N  N N 53  
DC  C4     C  N N 54  
DC  N4     N  N N 55  
DC  C5     C  N N 56  
DC  C6     C  N N 57  
DC  HOP3   H  N N 58  
DC  HOP2   H  N N 59  
DC  "H5'"  H  N N 60  
DC  "H5''" H  N N 61  
DC  "H4'"  H  N N 62  
DC  "H3'"  H  N N 63  
DC  "HO3'" H  N N 64  
DC  "H2'"  H  N N 65  
DC  "H2''" H  N N 66  
DC  "H1'"  H  N N 67  
DC  H41    H  N N 68  
DC  H42    H  N N 69  
DC  H5     H  N N 70  
DC  H6     H  N N 71  
DG  OP3    O  N N 72  
DG  P      P  N N 73  
DG  OP1    O  N N 74  
DG  OP2    O  N N 75  
DG  "O5'"  O  N N 76  
DG  "C5'"  C  N N 77  
DG  "C4'"  C  N R 78  
DG  "O4'"  O  N N 79  
DG  "C3'"  C  N S 80  
DG  "O3'"  O  N N 81  
DG  "C2'"  C  N N 82  
DG  "C1'"  C  N R 83  
DG  N9     N  Y N 84  
DG  C8     C  Y N 85  
DG  N7     N  Y N 86  
DG  C5     C  Y N 87  
DG  C6     C  N N 88  
DG  O6     O  N N 89  
DG  N1     N  N N 90  
DG  C2     C  N N 91  
DG  N2     N  N N 92  
DG  N3     N  N N 93  
DG  C4     C  Y N 94  
DG  HOP3   H  N N 95  
DG  HOP2   H  N N 96  
DG  "H5'"  H  N N 97  
DG  "H5''" H  N N 98  
DG  "H4'"  H  N N 99  
DG  "H3'"  H  N N 100 
DG  "HO3'" H  N N 101 
DG  "H2'"  H  N N 102 
DG  "H2''" H  N N 103 
DG  "H1'"  H  N N 104 
DG  H8     H  N N 105 
DG  H1     H  N N 106 
DG  H21    H  N N 107 
DG  H22    H  N N 108 
DT  OP3    O  N N 109 
DT  P      P  N N 110 
DT  OP1    O  N N 111 
DT  OP2    O  N N 112 
DT  "O5'"  O  N N 113 
DT  "C5'"  C  N N 114 
DT  "C4'"  C  N R 115 
DT  "O4'"  O  N N 116 
DT  "C3'"  C  N S 117 
DT  "O3'"  O  N N 118 
DT  "C2'"  C  N N 119 
DT  "C1'"  C  N R 120 
DT  N1     N  N N 121 
DT  C2     C  N N 122 
DT  O2     O  N N 123 
DT  N3     N  N N 124 
DT  C4     C  N N 125 
DT  O4     O  N N 126 
DT  C5     C  N N 127 
DT  C7     C  N N 128 
DT  C6     C  N N 129 
DT  HOP3   H  N N 130 
DT  HOP2   H  N N 131 
DT  "H5'"  H  N N 132 
DT  "H5''" H  N N 133 
DT  "H4'"  H  N N 134 
DT  "H3'"  H  N N 135 
DT  "HO3'" H  N N 136 
DT  "H2'"  H  N N 137 
DT  "H2''" H  N N 138 
DT  "H1'"  H  N N 139 
DT  H3     H  N N 140 
DT  H71    H  N N 141 
DT  H72    H  N N 142 
DT  H73    H  N N 143 
DT  H6     H  N N 144 
HOH O      O  N N 145 
HOH H1     H  N N 146 
HOH H2     H  N N 147 
RML C53    C  N N 148 
RML C17    C  Y N 149 
RML C18    C  Y N 150 
RML C52    C  N N 151 
RML C14    C  Y N 152 
RML C16    C  Y N 153 
RML C15    C  Y N 154 
RML N3     N  Y N 155 
RML C13    C  Y N 156 
RML N4     N  Y N 157 
RML C7     C  Y N 158 
RML C6     C  Y N 159 
RML C5     C  Y N 160 
RML C4     C  Y N 161 
RML C3     C  Y N 162 
RML C2     C  Y N 163 
RML C8     C  Y N 164 
RML C10    C  Y N 165 
RML C1     C  Y N 166 
RML N2     N  Y N 167 
RML N1     N  Y N 168 
RML C12    C  Y N 169 
RML C11    C  Y N 170 
RML C9     C  Y N 171 
RML RU     RU N N 172 
RML N8     N  Y N 173 
RML C28    C  Y N 174 
RML C27    C  Y N 175 
RML N7     N  Y N 176 
RML C26    C  Y N 177 
RML C25    C  Y N 178 
RML C24    C  Y N 179 
RML C23    C  Y N 180 
RML C22    C  Y N 181 
RML N6     N  Y N 182 
RML C19    C  Y N 183 
RML N5     N  Y N 184 
RML C20    C  Y N 185 
RML C21    C  Y N 186 
RML N12    N  Y N 187 
RML C38    C  Y N 188 
RML C37    C  Y N 189 
RML N11    N  Y N 190 
RML C36    C  Y N 191 
RML C29    C  Y N 192 
RML N9     N  Y N 193 
RML C30    C  Y N 194 
RML C31    C  Y N 195 
RML C35    C  Y N 196 
RML C34    C  Y N 197 
RML C33    C  Y N 198 
RML C32    C  Y N 199 
RML N10    N  Y N 200 
RML H1     H  N N 201 
RML H2     H  N N 202 
RML H3     H  N N 203 
RML H4     H  N N 204 
RML H5     H  N N 205 
RML H6     H  N N 206 
RML H7     H  N N 207 
RML H8     H  N N 208 
RML H9     H  N N 209 
RML H10    H  N N 210 
RML H11    H  N N 211 
RML H12    H  N N 212 
RML H13    H  N N 213 
RML H14    H  N N 214 
RML H15    H  N N 215 
RML H16    H  N N 216 
RML H17    H  N N 217 
RML H18    H  N N 218 
RML H19    H  N N 219 
RML H20    H  N N 220 
RML H21    H  N N 221 
RML H22    H  N N 222 
RML H23    H  N N 223 
RML H24    H  N N 224 
RML H25    H  N N 225 
RML H26    H  N N 226 
# 
loop_
_chem_comp_bond.comp_id 
_chem_comp_bond.atom_id_1 
_chem_comp_bond.atom_id_2 
_chem_comp_bond.value_order 
_chem_comp_bond.pdbx_aromatic_flag 
_chem_comp_bond.pdbx_stereo_config 
_chem_comp_bond.pdbx_ordinal 
DA  OP3   P      sing N N 1   
DA  OP3   HOP3   sing N N 2   
DA  P     OP1    doub N N 3   
DA  P     OP2    sing N N 4   
DA  P     "O5'"  sing N N 5   
DA  OP2   HOP2   sing N N 6   
DA  "O5'" "C5'"  sing N N 7   
DA  "C5'" "C4'"  sing N N 8   
DA  "C5'" "H5'"  sing N N 9   
DA  "C5'" "H5''" sing N N 10  
DA  "C4'" "O4'"  sing N N 11  
DA  "C4'" "C3'"  sing N N 12  
DA  "C4'" "H4'"  sing N N 13  
DA  "O4'" "C1'"  sing N N 14  
DA  "C3'" "O3'"  sing N N 15  
DA  "C3'" "C2'"  sing N N 16  
DA  "C3'" "H3'"  sing N N 17  
DA  "O3'" "HO3'" sing N N 18  
DA  "C2'" "C1'"  sing N N 19  
DA  "C2'" "H2'"  sing N N 20  
DA  "C2'" "H2''" sing N N 21  
DA  "C1'" N9     sing N N 22  
DA  "C1'" "H1'"  sing N N 23  
DA  N9    C8     sing Y N 24  
DA  N9    C4     sing Y N 25  
DA  C8    N7     doub Y N 26  
DA  C8    H8     sing N N 27  
DA  N7    C5     sing Y N 28  
DA  C5    C6     sing Y N 29  
DA  C5    C4     doub Y N 30  
DA  C6    N6     sing N N 31  
DA  C6    N1     doub Y N 32  
DA  N6    H61    sing N N 33  
DA  N6    H62    sing N N 34  
DA  N1    C2     sing Y N 35  
DA  C2    N3     doub Y N 36  
DA  C2    H2     sing N N 37  
DA  N3    C4     sing Y N 38  
DC  OP3   P      sing N N 39  
DC  OP3   HOP3   sing N N 40  
DC  P     OP1    doub N N 41  
DC  P     OP2    sing N N 42  
DC  P     "O5'"  sing N N 43  
DC  OP2   HOP2   sing N N 44  
DC  "O5'" "C5'"  sing N N 45  
DC  "C5'" "C4'"  sing N N 46  
DC  "C5'" "H5'"  sing N N 47  
DC  "C5'" "H5''" sing N N 48  
DC  "C4'" "O4'"  sing N N 49  
DC  "C4'" "C3'"  sing N N 50  
DC  "C4'" "H4'"  sing N N 51  
DC  "O4'" "C1'"  sing N N 52  
DC  "C3'" "O3'"  sing N N 53  
DC  "C3'" "C2'"  sing N N 54  
DC  "C3'" "H3'"  sing N N 55  
DC  "O3'" "HO3'" sing N N 56  
DC  "C2'" "C1'"  sing N N 57  
DC  "C2'" "H2'"  sing N N 58  
DC  "C2'" "H2''" sing N N 59  
DC  "C1'" N1     sing N N 60  
DC  "C1'" "H1'"  sing N N 61  
DC  N1    C2     sing N N 62  
DC  N1    C6     sing N N 63  
DC  C2    O2     doub N N 64  
DC  C2    N3     sing N N 65  
DC  N3    C4     doub N N 66  
DC  C4    N4     sing N N 67  
DC  C4    C5     sing N N 68  
DC  N4    H41    sing N N 69  
DC  N4    H42    sing N N 70  
DC  C5    C6     doub N N 71  
DC  C5    H5     sing N N 72  
DC  C6    H6     sing N N 73  
DG  OP3   P      sing N N 74  
DG  OP3   HOP3   sing N N 75  
DG  P     OP1    doub N N 76  
DG  P     OP2    sing N N 77  
DG  P     "O5'"  sing N N 78  
DG  OP2   HOP2   sing N N 79  
DG  "O5'" "C5'"  sing N N 80  
DG  "C5'" "C4'"  sing N N 81  
DG  "C5'" "H5'"  sing N N 82  
DG  "C5'" "H5''" sing N N 83  
DG  "C4'" "O4'"  sing N N 84  
DG  "C4'" "C3'"  sing N N 85  
DG  "C4'" "H4'"  sing N N 86  
DG  "O4'" "C1'"  sing N N 87  
DG  "C3'" "O3'"  sing N N 88  
DG  "C3'" "C2'"  sing N N 89  
DG  "C3'" "H3'"  sing N N 90  
DG  "O3'" "HO3'" sing N N 91  
DG  "C2'" "C1'"  sing N N 92  
DG  "C2'" "H2'"  sing N N 93  
DG  "C2'" "H2''" sing N N 94  
DG  "C1'" N9     sing N N 95  
DG  "C1'" "H1'"  sing N N 96  
DG  N9    C8     sing Y N 97  
DG  N9    C4     sing Y N 98  
DG  C8    N7     doub Y N 99  
DG  C8    H8     sing N N 100 
DG  N7    C5     sing Y N 101 
DG  C5    C6     sing N N 102 
DG  C5    C4     doub Y N 103 
DG  C6    O6     doub N N 104 
DG  C6    N1     sing N N 105 
DG  N1    C2     sing N N 106 
DG  N1    H1     sing N N 107 
DG  C2    N2     sing N N 108 
DG  C2    N3     doub N N 109 
DG  N2    H21    sing N N 110 
DG  N2    H22    sing N N 111 
DG  N3    C4     sing N N 112 
DT  OP3   P      sing N N 113 
DT  OP3   HOP3   sing N N 114 
DT  P     OP1    doub N N 115 
DT  P     OP2    sing N N 116 
DT  P     "O5'"  sing N N 117 
DT  OP2   HOP2   sing N N 118 
DT  "O5'" "C5'"  sing N N 119 
DT  "C5'" "C4'"  sing N N 120 
DT  "C5'" "H5'"  sing N N 121 
DT  "C5'" "H5''" sing N N 122 
DT  "C4'" "O4'"  sing N N 123 
DT  "C4'" "C3'"  sing N N 124 
DT  "C4'" "H4'"  sing N N 125 
DT  "O4'" "C1'"  sing N N 126 
DT  "C3'" "O3'"  sing N N 127 
DT  "C3'" "C2'"  sing N N 128 
DT  "C3'" "H3'"  sing N N 129 
DT  "O3'" "HO3'" sing N N 130 
DT  "C2'" "C1'"  sing N N 131 
DT  "C2'" "H2'"  sing N N 132 
DT  "C2'" "H2''" sing N N 133 
DT  "C1'" N1     sing N N 134 
DT  "C1'" "H1'"  sing N N 135 
DT  N1    C2     sing N N 136 
DT  N1    C6     sing N N 137 
DT  C2    O2     doub N N 138 
DT  C2    N3     sing N N 139 
DT  N3    C4     sing N N 140 
DT  N3    H3     sing N N 141 
DT  C4    O4     doub N N 142 
DT  C4    C5     sing N N 143 
DT  C5    C7     sing N N 144 
DT  C5    C6     doub N N 145 
DT  C7    H71    sing N N 146 
DT  C7    H72    sing N N 147 
DT  C7    H73    sing N N 148 
DT  C6    H6     sing N N 149 
HOH O     H1     sing N N 150 
HOH O     H2     sing N N 151 
RML C23   C24    doub Y N 152 
RML C23   C22    sing Y N 153 
RML C24   C25    sing Y N 154 
RML N6    C22    doub Y N 155 
RML N6    C21    sing Y N 156 
RML C22   C19    sing Y N 157 
RML C25   N7     doub Y N 158 
RML C25   C26    sing Y N 159 
RML N7    C27    sing Y N 160 
RML C21   C20    doub Y N 161 
RML C19   C26    sing Y N 162 
RML C19   N5     doub Y N 163 
RML C26   N8     doub Y N 164 
RML C27   C28    doub Y N 165 
RML C20   N5     sing Y N 166 
RML N5    RU     sing N N 167 
RML N8    C28    sing Y N 168 
RML N8    RU     sing N N 169 
RML C38   C37    doub Y N 170 
RML C38   N12    sing Y N 171 
RML C37   N11    sing Y N 172 
RML C12   N1     doub Y N 173 
RML C12   C11    sing Y N 174 
RML N12   RU     sing N N 175 
RML N12   C36    doub Y N 176 
RML RU    N1     sing N N 177 
RML RU    N2     sing N N 178 
RML RU    N9     sing N N 179 
RML N1    C10    sing Y N 180 
RML C11   C9     doub Y N 181 
RML N11   C35    doub Y N 182 
RML C36   C35    sing Y N 183 
RML C36   C29    sing Y N 184 
RML C9    C8     sing Y N 185 
RML C10   C8     doub Y N 186 
RML C10   C1     sing Y N 187 
RML C35   C34    sing Y N 188 
RML N2    C2     doub Y N 189 
RML N2    C1     sing Y N 190 
RML C2    C3     sing Y N 191 
RML C8    C7     sing Y N 192 
RML C1    C5     doub Y N 193 
RML N9    C29    doub Y N 194 
RML N9    C30    sing Y N 195 
RML C29   C32    sing Y N 196 
RML C34   C33    doub Y N 197 
RML C3    C4     doub Y N 198 
RML C7    N4     doub Y N 199 
RML C7    C6     sing Y N 200 
RML C30   C31    doub Y N 201 
RML C5    C4     sing Y N 202 
RML C5    C6     sing Y N 203 
RML N4    C13    sing Y N 204 
RML C6    N3     doub Y N 205 
RML C32   C33    sing Y N 206 
RML C32   N10    doub Y N 207 
RML C31   N10    sing Y N 208 
RML C13   C14    doub Y N 209 
RML C13   C15    sing Y N 210 
RML N3    C15    sing Y N 211 
RML C14   C18    sing Y N 212 
RML C15   C16    doub Y N 213 
RML C18   C52    sing N N 214 
RML C18   C17    doub Y N 215 
RML C16   C17    sing Y N 216 
RML C17   C53    sing N N 217 
RML C53   H1     sing N N 218 
RML C53   H2     sing N N 219 
RML C53   H3     sing N N 220 
RML C52   H4     sing N N 221 
RML C52   H5     sing N N 222 
RML C52   H6     sing N N 223 
RML C14   H7     sing N N 224 
RML C16   H8     sing N N 225 
RML C4    H9     sing N N 226 
RML C3    H10    sing N N 227 
RML C2    H11    sing N N 228 
RML C12   H12    sing N N 229 
RML C11   H13    sing N N 230 
RML C9    H14    sing N N 231 
RML C28   H15    sing N N 232 
RML C27   H16    sing N N 233 
RML C24   H17    sing N N 234 
RML C23   H18    sing N N 235 
RML C20   H19    sing N N 236 
RML C21   H20    sing N N 237 
RML C38   H21    sing N N 238 
RML C37   H22    sing N N 239 
RML C30   H23    sing N N 240 
RML C31   H24    sing N N 241 
RML C34   H25    sing N N 242 
RML C33   H26    sing N N 243 
# 
loop_
_ndb_struct_conf_na.entry_id 
_ndb_struct_conf_na.feature 
4M3I 'double helix'        
4M3I 'b-form double helix' 
# 
loop_
_ndb_struct_na_base_pair.model_number 
_ndb_struct_na_base_pair.i_label_asym_id 
_ndb_struct_na_base_pair.i_label_comp_id 
_ndb_struct_na_base_pair.i_label_seq_id 
_ndb_struct_na_base_pair.i_symmetry 
_ndb_struct_na_base_pair.j_label_asym_id 
_ndb_struct_na_base_pair.j_label_comp_id 
_ndb_struct_na_base_pair.j_label_seq_id 
_ndb_struct_na_base_pair.j_symmetry 
_ndb_struct_na_base_pair.shear 
_ndb_struct_na_base_pair.stretch 
_ndb_struct_na_base_pair.stagger 
_ndb_struct_na_base_pair.buckle 
_ndb_struct_na_base_pair.propeller 
_ndb_struct_na_base_pair.opening 
_ndb_struct_na_base_pair.pair_number 
_ndb_struct_na_base_pair.pair_name 
_ndb_struct_na_base_pair.i_auth_asym_id 
_ndb_struct_na_base_pair.i_auth_seq_id 
_ndb_struct_na_base_pair.i_PDB_ins_code 
_ndb_struct_na_base_pair.j_auth_asym_id 
_ndb_struct_na_base_pair.j_auth_seq_id 
_ndb_struct_na_base_pair.j_PDB_ins_code 
_ndb_struct_na_base_pair.hbond_type_28 
_ndb_struct_na_base_pair.hbond_type_12 
1 A DC 1  1_555 A DG 10 7_555 0.451  -0.613 -0.315 -1.112  10.788 -2.632 1  A_DC1:DG10_A A 1  ? A 10 ? 19 1 
1 A DC 2  1_555 A DG 9  7_555 0.319  -0.151 -0.268 -0.044  4.275  1.322  2  A_DC2:DG9_A  A 2  ? A 9  ? 19 1 
1 A DG 3  1_555 A DC 8  7_555 0.251  0.104  0.259  33.019  -7.344 -3.516 3  A_DG3:DC8_A  A 3  ? A 8  ? 19 1 
1 A DG 4  1_555 A DC 7  7_555 -0.035 -0.120 0.124  -4.364  4.575  -5.194 4  A_DG4:DC7_A  A 4  ? A 7  ? 19 1 
1 A DT 5  1_555 A DA 6  7_555 0.536  -0.109 -0.336 17.754  11.762 -1.634 5  A_DT5:DA6_A  A 5  ? A 6  ? 20 1 
1 A DA 6  1_555 A DT 5  7_555 -0.536 -0.109 -0.336 -17.754 11.762 -1.634 6  A_DA6:DT5_A  A 6  ? A 5  ? 20 1 
1 A DC 7  1_555 A DG 4  7_555 0.035  -0.120 0.124  4.364   4.575  -5.194 7  A_DC7:DG4_A  A 7  ? A 4  ? 19 1 
1 A DC 8  1_555 A DG 3  7_555 -0.251 0.104  0.259  -33.019 -7.344 -3.516 8  A_DC8:DG3_A  A 8  ? A 3  ? 19 1 
1 A DG 9  1_555 A DC 2  7_555 -0.319 -0.151 -0.268 0.044   4.275  1.322  9  A_DG9:DC2_A  A 9  ? A 2  ? 19 1 
1 A DG 10 1_555 A DC 1  7_555 -0.451 -0.613 -0.315 1.112   10.788 -2.632 10 A_DG10:DC1_A A 10 ? A 1  ? 19 1 
# 
loop_
_ndb_struct_na_base_pair_step.model_number 
_ndb_struct_na_base_pair_step.i_label_asym_id_1 
_ndb_struct_na_base_pair_step.i_label_comp_id_1 
_ndb_struct_na_base_pair_step.i_label_seq_id_1 
_ndb_struct_na_base_pair_step.i_symmetry_1 
_ndb_struct_na_base_pair_step.j_label_asym_id_1 
_ndb_struct_na_base_pair_step.j_label_comp_id_1 
_ndb_struct_na_base_pair_step.j_label_seq_id_1 
_ndb_struct_na_base_pair_step.j_symmetry_1 
_ndb_struct_na_base_pair_step.i_label_asym_id_2 
_ndb_struct_na_base_pair_step.i_label_comp_id_2 
_ndb_struct_na_base_pair_step.i_label_seq_id_2 
_ndb_struct_na_base_pair_step.i_symmetry_2 
_ndb_struct_na_base_pair_step.j_label_asym_id_2 
_ndb_struct_na_base_pair_step.j_label_comp_id_2 
_ndb_struct_na_base_pair_step.j_label_seq_id_2 
_ndb_struct_na_base_pair_step.j_symmetry_2 
_ndb_struct_na_base_pair_step.shift 
_ndb_struct_na_base_pair_step.slide 
_ndb_struct_na_base_pair_step.rise 
_ndb_struct_na_base_pair_step.tilt 
_ndb_struct_na_base_pair_step.roll 
_ndb_struct_na_base_pair_step.twist 
_ndb_struct_na_base_pair_step.x_displacement 
_ndb_struct_na_base_pair_step.y_displacement 
_ndb_struct_na_base_pair_step.helical_rise 
_ndb_struct_na_base_pair_step.inclination 
_ndb_struct_na_base_pair_step.tip 
_ndb_struct_na_base_pair_step.helical_twist 
_ndb_struct_na_base_pair_step.step_number 
_ndb_struct_na_base_pair_step.step_name 
_ndb_struct_na_base_pair_step.i_auth_asym_id_1 
_ndb_struct_na_base_pair_step.i_auth_seq_id_1 
_ndb_struct_na_base_pair_step.i_PDB_ins_code_1 
_ndb_struct_na_base_pair_step.j_auth_asym_id_1 
_ndb_struct_na_base_pair_step.j_auth_seq_id_1 
_ndb_struct_na_base_pair_step.j_PDB_ins_code_1 
_ndb_struct_na_base_pair_step.i_auth_asym_id_2 
_ndb_struct_na_base_pair_step.i_auth_seq_id_2 
_ndb_struct_na_base_pair_step.i_PDB_ins_code_2 
_ndb_struct_na_base_pair_step.j_auth_asym_id_2 
_ndb_struct_na_base_pair_step.j_auth_seq_id_2 
_ndb_struct_na_base_pair_step.j_PDB_ins_code_2 
1 A DC 1 1_555 A DG 10 7_555 A DC 2  1_555 A DG 9 7_555 -0.647 1.390  6.874 3.072  -8.951 14.896 15.125 5.745  5.000 -30.796 
-10.569 17.634 1 AA_DC1DC2:DG9DG10_AA A 1 ? A 10 ? A 2  ? A 9 ? 
1 A DC 2 1_555 A DG 9  7_555 A DG 3  1_555 A DC 8 7_555 0.041  1.663  2.644 -0.165 7.181  20.118 1.856  -0.170 3.046 19.762  0.453 
21.350 2 AA_DC2DG3:DC8DG9_AA  A 2 ? A 9  ? A 3  ? A 8 ? 
1 A DG 3 1_555 A DC 8  7_555 A DG 4  1_555 A DC 7 7_555 -0.050 0.596  5.344 -1.225 53.572 17.866 -5.141 -0.079 2.324 72.889  1.667 
56.276 3 AA_DG3DG4:DC7DC8_AA  A 3 ? A 8  ? A 4  ? A 7 ? 
1 A DG 4 1_555 A DC 7  7_555 A DT 5  1_555 A DA 6 7_555 0.556  -0.337 2.868 0.942  5.053  22.121 -2.443 -1.116 2.744 12.945  
-2.414  22.703 4 AA_DG4DT5:DA6DC7_AA  A 4 ? A 7  ? A 5  ? A 6 ? 
1 A DT 5 1_555 A DA 6  7_555 A DA 6  1_555 A DT 5 7_555 0.000  1.777  7.199 0.000  3.887  33.770 1.653  0.000  7.351 6.664   0.000 
33.987 5 AA_DT5DA6:DT5DA6_AA  A 5 ? A 6  ? A 6  ? A 5 ? 
1 A DA 6 1_555 A DT 5  7_555 A DC 7  1_555 A DG 4 7_555 -0.556 -0.337 2.868 -0.942 5.053  22.121 -2.443 1.116  2.744 12.945  2.413 
22.703 6 AA_DA6DC7:DG4DT5_AA  A 6 ? A 5  ? A 7  ? A 4 ? 
1 A DC 7 1_555 A DG 4  7_555 A DC 8  1_555 A DG 3 7_555 0.050  0.596  5.344 1.225  53.572 17.866 -5.141 0.079  2.324 72.889  
-1.667  56.276 7 AA_DC7DC8:DG3DG4_AA  A 7 ? A 4  ? A 8  ? A 3 ? 
1 A DC 8 1_555 A DG 3  7_555 A DG 9  1_555 A DC 2 7_555 -0.041 1.663  2.644 0.165  7.182  20.118 1.856  0.170  3.046 19.762  
-0.453  21.350 8 AA_DC8DG9:DC2DG3_AA  A 8 ? A 3  ? A 9  ? A 2 ? 
1 A DG 9 1_555 A DC 2  7_555 A DG 10 1_555 A DC 1 7_555 0.647  1.390  6.874 -3.072 -8.951 14.896 15.125 -5.745 5.000 -30.796 
10.569  17.634 9 AA_DG9DG10:DC1DC2_AA A 9 ? A 2  ? A 10 ? A 1 ? 
# 
_atom_sites.entry_id                    4M3I 
_atom_sites.fract_transf_matrix[1][1]   -0.00017242 
_atom_sites.fract_transf_matrix[1][2]   0.01826168 
_atom_sites.fract_transf_matrix[1][3]   -0.00433091 
_atom_sites.fract_transf_matrix[2][1]   0.01623955 
_atom_sites.fract_transf_matrix[2][2]   0.00231638 
_atom_sites.fract_transf_matrix[2][3]   0.00912069 
_atom_sites.fract_transf_matrix[3][1]   0.01487118 
_atom_sites.fract_transf_matrix[3][2]   -0.00579040 
_atom_sites.fract_transf_matrix[3][3]   -0.02500782 
_atom_sites.fract_transf_vector[1]      0.259614 
_atom_sites.fract_transf_vector[2]      0.214620 
_atom_sites.fract_transf_vector[3]      -0.061715 
# 
loop_
_atom_type.symbol 
BA 
C  
N  
O  
P  
RU 
# 
loop_
_atom_site.group_PDB 
_atom_site.id 
_atom_site.type_symbol 
_atom_site.label_atom_id 
_atom_site.label_alt_id 
_atom_site.label_comp_id 
_atom_site.label_asym_id 
_atom_site.label_entity_id 
_atom_site.label_seq_id 
_atom_site.pdbx_PDB_ins_code 
_atom_site.Cartn_x 
_atom_site.Cartn_y 
_atom_site.Cartn_z 
_atom_site.occupancy 
_atom_site.B_iso_or_equiv 
_atom_site.pdbx_formal_charge 
_atom_site.auth_seq_id 
_atom_site.auth_comp_id 
_atom_site.auth_asym_id 
_atom_site.auth_atom_id 
_atom_site.pdbx_PDB_model_num 
ATOM   1   C  "C3'" . DC  A 1 1  ? 9.409   11.810  -13.656 1.00 71.69 ? 1   DC  A "C3'" 1 
ATOM   2   O  "O3'" . DC  A 1 1  ? 8.173   11.532  -12.941 1.00 74.71 ? 1   DC  A "O3'" 1 
ATOM   3   C  "C2'" . DC  A 1 1  ? 9.333   11.288  -15.079 1.00 67.82 ? 1   DC  A "C2'" 1 
ATOM   4   C  "C1'" . DC  A 1 1  ? 8.319   10.146  -14.951 1.00 61.80 ? 1   DC  A "C1'" 1 
ATOM   5   N  N1    . DC  A 1 1  ? 8.601   8.958   -15.778 1.00 74.04 ? 1   DC  A N1    1 
ATOM   6   C  C2    . DC  A 1 1  ? 7.678   8.620   -16.768 1.00 68.54 ? 1   DC  A C2    1 
ATOM   7   O  O2    . DC  A 1 1  ? 6.688   9.342   -16.927 1.00 65.33 ? 1   DC  A O2    1 
ATOM   8   N  N3    . DC  A 1 1  ? 7.892   7.518   -17.530 1.00 69.71 ? 1   DC  A N3    1 
ATOM   9   C  C4    . DC  A 1 1  ? 8.979   6.768   -17.328 1.00 65.19 ? 1   DC  A C4    1 
ATOM   10  N  N4    . DC  A 1 1  ? 9.153   5.699   -18.108 1.00 60.82 ? 1   DC  A N4    1 
ATOM   11  C  C5    . DC  A 1 1  ? 9.941   7.092   -16.326 1.00 67.56 ? 1   DC  A C5    1 
ATOM   12  C  C6    . DC  A 1 1  ? 9.700   8.171   -15.562 1.00 69.32 ? 1   DC  A C6    1 
ATOM   13  P  P     . DC  A 1 2  ? 8.065   11.785  -11.339 1.00 82.97 ? 2   DC  A P     1 
ATOM   14  O  OP1   . DC  A 1 2  ? 8.173   13.269  -11.107 1.00 72.24 ? 2   DC  A OP1   1 
ATOM   15  O  OP2   . DC  A 1 2  ? 8.981   10.792  -10.640 1.00 95.98 ? 2   DC  A OP2   1 
ATOM   16  O  "O5'" . DC  A 1 2  ? 6.557   11.377  -10.961 1.00 66.83 ? 2   DC  A "O5'" 1 
ATOM   17  C  "C5'" . DC  A 1 2  ? 6.268   10.745  -9.687  1.00 58.28 ? 2   DC  A "C5'" 1 
ATOM   18  C  "C4'" . DC  A 1 2  ? 4.784   10.853  -9.411  1.00 54.94 ? 2   DC  A "C4'" 1 
ATOM   19  O  "O4'" . DC  A 1 2  ? 4.108   10.226  -10.508 1.00 54.11 ? 2   DC  A "O4'" 1 
ATOM   20  C  "C3'" . DC  A 1 2  ? 4.272   10.185  -8.140  1.00 53.78 ? 2   DC  A "C3'" 1 
ATOM   21  O  "O3'" . DC  A 1 2  ? 3.920   11.219  -7.211  1.00 56.17 ? 2   DC  A "O3'" 1 
ATOM   22  C  "C2'" . DC  A 1 2  ? 3.015   9.461   -8.587  1.00 52.78 ? 2   DC  A "C2'" 1 
ATOM   23  C  "C1'" . DC  A 1 2  ? 3.127   9.329   -10.090 1.00 46.00 ? 2   DC  A "C1'" 1 
ATOM   24  N  N1    . DC  A 1 2  ? 3.556   8.013   -10.518 1.00 47.19 ? 2   DC  A N1    1 
ATOM   25  C  C2    . DC  A 1 2  ? 2.952   7.405   -11.614 1.00 45.73 ? 2   DC  A C2    1 
ATOM   26  O  O2    . DC  A 1 2  ? 2.043   7.989   -12.198 1.00 50.33 ? 2   DC  A O2    1 
ATOM   27  N  N3    . DC  A 1 2  ? 3.355   6.186   -11.995 1.00 47.46 ? 2   DC  A N3    1 
ATOM   28  C  C4    . DC  A 1 2  ? 4.334   5.575   -11.337 1.00 50.38 ? 2   DC  A C4    1 
ATOM   29  N  N4    . DC  A 1 2  ? 4.709   4.370   -11.757 1.00 53.06 ? 2   DC  A N4    1 
ATOM   30  C  C5    . DC  A 1 2  ? 4.979   6.174   -10.223 1.00 55.24 ? 2   DC  A C5    1 
ATOM   31  C  C6    . DC  A 1 2  ? 4.574   7.389   -9.861  1.00 54.00 ? 2   DC  A C6    1 
ATOM   32  P  P     . DG  A 1 3  ? 3.773   10.920  -5.688  1.00 53.81 ? 3   DG  A P     1 
ATOM   33  O  OP1   . DG  A 1 3  ? 4.058   12.157  -4.945  1.00 58.08 ? 3   DG  A OP1   1 
ATOM   34  O  OP2   . DG  A 1 3  ? 4.546   9.730   -5.397  1.00 46.16 ? 3   DG  A OP2   1 
ATOM   35  O  "O5'" . DG  A 1 3  ? 2.229   10.632  -5.543  1.00 51.46 ? 3   DG  A "O5'" 1 
ATOM   36  C  "C5'" . DG  A 1 3  ? 1.266   11.615  -5.937  1.00 53.24 ? 3   DG  A "C5'" 1 
ATOM   37  C  "C4'" . DG  A 1 3  ? -0.087  10.982  -6.177  1.00 50.79 ? 3   DG  A "C4'" 1 
ATOM   38  O  "O4'" . DG  A 1 3  ? -0.007  10.163  -7.354  1.00 51.87 ? 3   DG  A "O4'" 1 
ATOM   39  C  "C3'" . DG  A 1 3  ? -0.625  10.071  -5.079  1.00 53.66 ? 3   DG  A "C3'" 1 
ATOM   40  O  "O3'" . DG  A 1 3  ? -1.483  10.790  -4.176  1.00 57.04 ? 3   DG  A "O3'" 1 
ATOM   41  C  "C2'" . DG  A 1 3  ? -1.426  9.042   -5.853  1.00 49.36 ? 3   DG  A "C2'" 1 
ATOM   42  C  "C1'" . DG  A 1 3  ? -0.738  8.972   -7.201  1.00 48.87 ? 3   DG  A "C1'" 1 
ATOM   43  N  N9    . DG  A 1 3  ? 0.189   7.866   -7.386  1.00 47.53 ? 3   DG  A N9    1 
ATOM   44  C  C8    . DG  A 1 3  ? 1.171   7.444   -6.526  1.00 50.95 ? 3   DG  A C8    1 
ATOM   45  N  N7    . DG  A 1 3  ? 1.841   6.423   -6.980  1.00 51.90 ? 3   DG  A N7    1 
ATOM   46  C  C5    . DG  A 1 3  ? 1.292   6.186   -8.233  1.00 47.68 ? 3   DG  A C5    1 
ATOM   47  C  C6    . DG  A 1 3  ? 1.611   5.208   -9.207  1.00 46.11 ? 3   DG  A C6    1 
ATOM   48  O  O6    . DG  A 1 3  ? 2.468   4.323   -9.158  1.00 51.52 ? 3   DG  A O6    1 
ATOM   49  N  N1    . DG  A 1 3  ? 0.807   5.329   -10.334 1.00 48.33 ? 3   DG  A N1    1 
ATOM   50  C  C2    . DG  A 1 3  ? -0.188  6.254   -10.494 1.00 45.21 ? 3   DG  A C2    1 
ATOM   51  N  N2    . DG  A 1 3  ? -0.870  6.195   -11.638 1.00 48.11 ? 3   DG  A N2    1 
ATOM   52  N  N3    . DG  A 1 3  ? -0.485  7.178   -9.601  1.00 51.77 ? 3   DG  A N3    1 
ATOM   53  C  C4    . DG  A 1 3  ? 0.285   7.082   -8.500  1.00 42.91 ? 3   DG  A C4    1 
ATOM   54  P  P     . DG  A 1 4  ? -1.378  10.598  -2.608  1.00 54.51 ? 4   DG  A P     1 
ATOM   55  O  OP1   . DG  A 1 4  ? -2.121  11.691  -1.959  1.00 58.31 ? 4   DG  A OP1   1 
ATOM   56  O  OP2   . DG  A 1 4  ? 0.016   10.370  -2.263  1.00 51.07 ? 4   DG  A OP2   1 
ATOM   57  O  "O5'" . DG  A 1 4  ? -2.186  9.263   -2.361  1.00 52.61 ? 4   DG  A "O5'" 1 
ATOM   58  C  "C5'" . DG  A 1 4  ? -3.511  9.124   -2.883  1.00 53.49 ? 4   DG  A "C5'" 1 
ATOM   59  C  "C4'" . DG  A 1 4  ? -4.020  7.727   -2.613  1.00 49.79 ? 4   DG  A "C4'" 1 
ATOM   60  O  "O4'" . DG  A 1 4  ? -3.318  6.774   -3.446  1.00 56.47 ? 4   DG  A "O4'" 1 
ATOM   61  C  "C3'" . DG  A 1 4  ? -3.788  7.257   -1.188  1.00 51.66 ? 4   DG  A "C3'" 1 
ATOM   62  O  "O3'" . DG  A 1 4  ? -4.845  6.365   -0.864  1.00 56.59 ? 4   DG  A "O3'" 1 
ATOM   63  C  "C2'" . DG  A 1 4  ? -2.489  6.491   -1.288  1.00 52.76 ? 4   DG  A "C2'" 1 
ATOM   64  C  "C1'" . DG  A 1 4  ? -2.655  5.829   -2.632  1.00 49.71 ? 4   DG  A "C1'" 1 
ATOM   65  N  N9    . DG  A 1 4  ? -1.422  5.460   -3.304  1.00 48.40 ? 4   DG  A N9    1 
ATOM   66  C  C8    . DG  A 1 4  ? -0.246  6.162   -3.349  1.00 49.50 ? 4   DG  A C8    1 
ATOM   67  N  N7    . DG  A 1 4  ? 0.673   5.575   -4.066  1.00 55.31 ? 4   DG  A N7    1 
ATOM   68  C  C5    . DG  A 1 4  ? 0.064   4.414   -4.512  1.00 46.91 ? 4   DG  A C5    1 
ATOM   69  C  C6    . DG  A 1 4  ? 0.556   3.389   -5.347  1.00 48.93 ? 4   DG  A C6    1 
ATOM   70  O  O6    . DG  A 1 4  ? 1.675   3.283   -5.854  1.00 52.62 ? 4   DG  A O6    1 
ATOM   71  N  N1    . DG  A 1 4  ? -0.407  2.421   -5.587  1.00 43.56 ? 4   DG  A N1    1 
ATOM   72  C  C2    . DG  A 1 4  ? -1.677  2.430   -5.075  1.00 43.24 ? 4   DG  A C2    1 
ATOM   73  N  N2    . DG  A 1 4  ? -2.460  1.402   -5.415  1.00 49.76 ? 4   DG  A N2    1 
ATOM   74  N  N3    . DG  A 1 4  ? -2.153  3.386   -4.305  1.00 47.76 ? 4   DG  A N3    1 
ATOM   75  C  C4    . DG  A 1 4  ? -1.234  4.341   -4.066  1.00 48.52 ? 4   DG  A C4    1 
ATOM   76  P  P     . DT  A 1 5  ? -5.224  6.113   0.624   1.00 54.87 ? 5   DT  A P     1 
ATOM   77  O  OP1   . DT  A 1 5  ? -6.666  6.167   0.747   1.00 57.14 ? 5   DT  A OP1   1 
ATOM   78  O  OP2   . DT  A 1 5  ? -4.374  6.937   1.482   1.00 55.02 ? 5   DT  A OP2   1 
ATOM   79  O  "O5'" . DT  A 1 5  ? -4.757  4.626   0.822   1.00 56.80 ? 5   DT  A "O5'" 1 
ATOM   80  C  "C5'" . DT  A 1 5  ? -5.195  3.576   -0.036  1.00 57.65 ? 5   DT  A "C5'" 1 
ATOM   81  C  "C4'" . DT  A 1 5  ? -4.228  2.427   0.123   1.00 59.44 ? 5   DT  A "C4'" 1 
ATOM   82  O  "O4'" . DT  A 1 5  ? -3.108  2.609   -0.775  1.00 58.51 ? 5   DT  A "O4'" 1 
ATOM   83  C  "C3'" . DT  A 1 5  ? -3.617  2.295   1.528   1.00 59.91 ? 5   DT  A "C3'" 1 
ATOM   84  O  "O3'" . DT  A 1 5  ? -3.805  0.986   2.076   1.00 67.82 ? 5   DT  A "O3'" 1 
ATOM   85  C  "C2'" . DT  A 1 5  ? -2.134  2.536   1.301   1.00 60.05 ? 5   DT  A "C2'" 1 
ATOM   86  C  "C1'" . DT  A 1 5  ? -1.995  2.062   -0.120  1.00 54.83 ? 5   DT  A "C1'" 1 
ATOM   87  N  N1    . DT  A 1 5  ? -0.772  2.455   -0.845  1.00 53.91 ? 5   DT  A N1    1 
ATOM   88  C  C2    . DT  A 1 5  ? -0.334  1.596   -1.823  1.00 54.49 ? 5   DT  A C2    1 
ATOM   89  O  O2    . DT  A 1 5  ? -0.952  0.598   -2.148  1.00 61.10 ? 5   DT  A O2    1 
ATOM   90  N  N3    . DT  A 1 5  ? 0.836   1.972   -2.439  1.00 54.92 ? 5   DT  A N3    1 
ATOM   91  C  C4    . DT  A 1 5  ? 1.607   3.080   -2.158  1.00 52.71 ? 5   DT  A C4    1 
ATOM   92  O  O4    . DT  A 1 5  ? 2.619   3.314   -2.820  1.00 59.69 ? 5   DT  A O4    1 
ATOM   93  C  C5    . DT  A 1 5  ? 1.104   3.921   -1.101  1.00 49.17 ? 5   DT  A C5    1 
ATOM   94  C  C7    . DT  A 1 5  ? 1.877   5.144   -0.726  1.00 54.35 ? 5   DT  A C7    1 
ATOM   95  C  C6    . DT  A 1 5  ? -0.029  3.557   -0.487  1.00 47.85 ? 5   DT  A C6    1 
ATOM   96  P  P     . DA  A 1 6  ? -4.589  0.787   3.441   1.00 70.02 ? 6   DA  A P     1 
ATOM   97  O  OP1   . DA  A 1 6  ? -6.028  1.113   3.168   1.00 67.95 ? 6   DA  A OP1   1 
ATOM   98  O  OP2   . DA  A 1 6  ? -3.866  1.564   4.482   1.00 69.18 ? 6   DA  A OP2   1 
ATOM   99  O  "O5'" . DA  A 1 6  ? -4.387  -0.765  3.719   1.00 59.82 ? 6   DA  A "O5'" 1 
ATOM   100 C  "C5'" . DA  A 1 6  ? -5.018  -1.714  2.861   1.00 59.71 ? 6   DA  A "C5'" 1 
ATOM   101 C  "C4'" . DA  A 1 6  ? -4.477  -3.088  3.163   1.00 68.88 ? 6   DA  A "C4'" 1 
ATOM   102 O  "O4'" . DA  A 1 6  ? -3.082  -3.132  2.800   1.00 76.39 ? 6   DA  A "O4'" 1 
ATOM   103 C  "C3'" . DA  A 1 6  ? -4.529  -3.450  4.644   1.00 73.91 ? 6   DA  A "C3'" 1 
ATOM   104 O  "O3'" . DA  A 1 6  ? -4.708  -4.851  4.874   1.00 79.46 ? 6   DA  A "O3'" 1 
ATOM   105 C  "C2'" . DA  A 1 6  ? -3.159  -3.050  5.148   1.00 75.41 ? 6   DA  A "C2'" 1 
ATOM   106 C  "C1'" . DA  A 1 6  ? -2.275  -3.325  3.945   1.00 69.21 ? 6   DA  A "C1'" 1 
ATOM   107 N  N9    . DA  A 1 6  ? -1.146  -2.410  3.853   1.00 62.41 ? 6   DA  A N9    1 
ATOM   108 C  C8    . DA  A 1 6  ? -1.045  -1.127  4.326   1.00 58.37 ? 6   DA  A C8    1 
ATOM   109 N  N7    . DA  A 1 6  ? 0.128   -0.578  4.122   1.00 57.96 ? 6   DA  A N7    1 
ATOM   110 C  C5    . DA  A 1 6  ? 0.851   -1.567  3.471   1.00 53.74 ? 6   DA  A C5    1 
ATOM   111 C  C6    . DA  A 1 6  ? 2.176   -1.618  3.005   1.00 49.96 ? 6   DA  A C6    1 
ATOM   112 N  N6    . DA  A 1 6  ? 3.034   -0.606  3.102   1.00 51.44 ? 6   DA  A N6    1 
ATOM   113 N  N1    . DA  A 1 6  ? 2.595   -2.763  2.434   1.00 55.06 ? 6   DA  A N1    1 
ATOM   114 C  C2    . DA  A 1 6  ? 1.733   -3.785  2.346   1.00 50.04 ? 6   DA  A C2    1 
ATOM   115 N  N3    . DA  A 1 6  ? 0.467   -3.863  2.759   1.00 49.06 ? 6   DA  A N3    1 
ATOM   116 C  C4    . DA  A 1 6  ? 0.083   -2.705  3.314   1.00 54.80 ? 6   DA  A C4    1 
ATOM   117 P  P     . DC  A 1 7  ? -5.111  -5.327  6.337   1.00 82.74 ? 7   DC  A P     1 
ATOM   118 O  OP1   . DC  A 1 7  ? -6.366  -6.109  6.237   1.00 90.95 ? 7   DC  A OP1   1 
ATOM   119 O  OP2   . DC  A 1 7  ? -4.991  -4.158  7.250   1.00 83.84 ? 7   DC  A OP2   1 
ATOM   120 O  "O5'" . DC  A 1 7  ? -3.967  -6.358  6.722   1.00 79.07 ? 7   DC  A "O5'" 1 
ATOM   121 C  "C5'" . DC  A 1 7  ? -3.544  -7.373  5.788   1.00 72.79 ? 7   DC  A "C5'" 1 
ATOM   122 C  "C4'" . DC  A 1 7  ? -2.097  -7.719  6.067   1.00 62.13 ? 7   DC  A "C4'" 1 
ATOM   123 O  "O4'" . DC  A 1 7  ? -1.234  -6.731  5.485   1.00 60.24 ? 7   DC  A "O4'" 1 
ATOM   124 C  "C3'" . DC  A 1 7  ? -1.715  -7.700  7.541   1.00 58.51 ? 7   DC  A "C3'" 1 
ATOM   125 O  "O3'" . DC  A 1 7  ? -2.221  -8.892  8.145   1.00 56.44 ? 7   DC  A "O3'" 1 
ATOM   126 C  "C2'" . DC  A 1 7  ? -0.217  -7.506  7.463   1.00 55.53 ? 7   DC  A "C2'" 1 
ATOM   127 C  "C1'" . DC  A 1 7  ? 0.024   -6.966  6.040   1.00 53.66 ? 7   DC  A "C1'" 1 
ATOM   128 N  N1    . DC  A 1 7  ? 0.775   -5.709  6.017   1.00 52.57 ? 7   DC  A N1    1 
ATOM   129 C  C2    . DC  A 1 7  ? 2.023   -5.673  5.385   1.00 52.04 ? 7   DC  A C2    1 
ATOM   130 O  O2    . DC  A 1 7  ? 2.430   -6.692  4.795   1.00 59.79 ? 7   DC  A O2    1 
ATOM   131 N  N3    . DC  A 1 7  ? 2.762   -4.542  5.451   1.00 51.38 ? 7   DC  A N3    1 
ATOM   132 C  C4    . DC  A 1 7  ? 2.300   -3.478  6.113   1.00 45.85 ? 7   DC  A C4    1 
ATOM   133 N  N4    . DC  A 1 7  ? 3.057   -2.381  6.142   1.00 50.37 ? 7   DC  A N4    1 
ATOM   134 C  C5    . DC  A 1 7  ? 1.040   -3.494  6.775   1.00 49.29 ? 7   DC  A C5    1 
ATOM   135 C  C6    . DC  A 1 7  ? 0.327   -4.625  6.721   1.00 50.36 ? 7   DC  A C6    1 
ATOM   136 P  P     . DC  A 1 8  ? -2.211  -9.071  9.693   1.00 58.07 ? 8   DC  A P     1 
ATOM   137 O  OP1   . DC  A 1 8  ? -2.859  -10.349 9.979   1.00 60.80 ? 8   DC  A OP1   1 
ATOM   138 O  OP2   . DC  A 1 8  ? -2.656  -7.839  10.365  1.00 50.42 ? 8   DC  A OP2   1 
ATOM   139 O  "O5'" . DC  A 1 8  ? -0.671  -9.217  9.969   1.00 57.34 ? 8   DC  A "O5'" 1 
ATOM   140 C  "C5'" . DC  A 1 8  ? -0.115  -10.504 10.225  1.00 51.63 ? 8   DC  A "C5'" 1 
ATOM   141 C  "C4'" . DC  A 1 8  ? 1.175   -10.287 10.967  1.00 48.94 ? 8   DC  A "C4'" 1 
ATOM   142 O  "O4'" . DC  A 1 8  ? 1.811   -9.188  10.311  1.00 54.97 ? 8   DC  A "O4'" 1 
ATOM   143 C  "C3'" . DC  A 1 8  ? 0.999   -9.806  12.394  1.00 50.33 ? 8   DC  A "C3'" 1 
ATOM   144 O  "O3'" . DC  A 1 8  ? 1.193   -10.836 13.332  1.00 52.03 ? 8   DC  A "O3'" 1 
ATOM   145 C  "C2'" . DC  A 1 8  ? 2.132   -8.815  12.603  1.00 49.42 ? 8   DC  A "C2'" 1 
ATOM   146 C  "C1'" . DC  A 1 8  ? 2.685   -8.561  11.216  1.00 48.85 ? 8   DC  A "C1'" 1 
ATOM   147 N  N1    . DC  A 1 8  ? 2.773   -7.145  10.830  1.00 49.28 ? 8   DC  A N1    1 
ATOM   148 C  C2    . DC  A 1 8  ? 4.032   -6.566  10.731  1.00 45.73 ? 8   DC  A C2    1 
ATOM   149 O  O2    . DC  A 1 8  ? 5.024   -7.253  10.994  1.00 52.71 ? 8   DC  A O2    1 
ATOM   150 N  N3    . DC  A 1 8  ? 4.138   -5.276  10.365  1.00 48.41 ? 8   DC  A N3    1 
ATOM   151 C  C4    . DC  A 1 8  ? 3.043   -4.575  10.073  1.00 47.38 ? 8   DC  A C4    1 
ATOM   152 N  N4    . DC  A 1 8  ? 3.194   -3.300  9.715   1.00 54.81 ? 8   DC  A N4    1 
ATOM   153 C  C5    . DC  A 1 8  ? 1.743   -5.144  10.156  1.00 49.23 ? 8   DC  A C5    1 
ATOM   154 C  C6    . DC  A 1 8  ? 1.655   -6.425  10.518  1.00 46.99 ? 8   DC  A C6    1 
ATOM   155 P  P     . DG  A 1 9  ? 0.533   -10.705 14.712  1.00 53.23 ? 9   DG  A P     1 
ATOM   156 O  OP1   . DG  A 1 9  ? -0.119  -11.980 15.011  1.00 59.50 ? 9   DG  A OP1   1 
ATOM   157 O  OP2   . DG  A 1 9  ? -0.235  -9.459  14.769  1.00 51.38 ? 9   DG  A OP2   1 
ATOM   158 O  "O5'" . DG  A 1 9  ? 1.762   -10.417 15.640  1.00 51.86 ? 9   DG  A "O5'" 1 
ATOM   159 C  "C5'" . DG  A 1 9  ? 2.938   -11.190 15.559  1.00 53.01 ? 9   DG  A "C5'" 1 
ATOM   160 C  "C4'" . DG  A 1 9  ? 4.030   -10.375 16.199  1.00 54.47 ? 9   DG  A "C4'" 1 
ATOM   161 O  "O4'" . DG  A 1 9  ? 4.265   -9.224  15.369  1.00 53.95 ? 9   DG  A "O4'" 1 
ATOM   162 C  "C3'" . DG  A 1 9  ? 3.626   -9.826  17.558  1.00 55.71 ? 9   DG  A "C3'" 1 
ATOM   163 O  "O3'" . DG  A 1 9  ? 4.719   -9.668  18.406  1.00 64.13 ? 9   DG  A "O3'" 1 
ATOM   164 C  "C2'" . DG  A 1 9  ? 3.265   -8.395  17.296  1.00 55.06 ? 9   DG  A "C2'" 1 
ATOM   165 C  "C1'" . DG  A 1 9  ? 4.180   -8.069  16.149  1.00 50.56 ? 9   DG  A "C1'" 1 
ATOM   166 N  N9    . DG  A 1 9  ? 3.648   -7.007  15.314  1.00 48.94 ? 9   DG  A N9    1 
ATOM   167 C  C8    . DG  A 1 9  ? 2.333   -6.666  15.120  1.00 48.60 ? 9   DG  A C8    1 
ATOM   168 N  N7    . DG  A 1 9  ? 2.184   -5.610  14.371  1.00 49.42 ? 9   DG  A N7    1 
ATOM   169 C  C5    . DG  A 1 9  ? 3.479   -5.221  14.074  1.00 47.17 ? 9   DG  A C5    1 
ATOM   170 C  C6    . DG  A 1 9  ? 3.953   -4.141  13.299  1.00 45.89 ? 9   DG  A C6    1 
ATOM   171 O  O6    . DG  A 1 9  ? 3.307   -3.258  12.741  1.00 43.96 ? 9   DG  A O6    1 
ATOM   172 N  N1    . DG  A 1 9  ? 5.341   -4.124  13.240  1.00 45.83 ? 9   DG  A N1    1 
ATOM   173 C  C2    . DG  A 1 9  ? 6.167   -5.026  13.857  1.00 44.78 ? 9   DG  A C2    1 
ATOM   174 N  N2    . DG  A 1 9  ? 7.472   -4.825  13.702  1.00 47.68 ? 9   DG  A N2    1 
ATOM   175 N  N3    . DG  A 1 9  ? 5.741   -6.017  14.614  1.00 45.79 ? 9   DG  A N3    1 
ATOM   176 C  C4    . DG  A 1 9  ? 4.393   -6.070  14.657  1.00 52.83 ? 9   DG  A C4    1 
ATOM   177 P  P     . DG  A 1 10 ? 4.586   -10.272 19.795  1.00 83.82 ? 10  DG  A P     1 
ATOM   178 O  OP1   . DG  A 1 10 ? 4.973   -11.715 19.671  1.00 70.15 ? 10  DG  A OP1   1 
ATOM   179 O  OP2   . DG  A 1 10 ? 3.240   -9.859  20.335  1.00 73.29 ? 10  DG  A OP2   1 
ATOM   180 O  "O5'" . DG  A 1 10 ? 5.727   -9.510  20.590  1.00 88.69 ? 10  DG  A "O5'" 1 
ATOM   181 C  "C5'" . DG  A 1 10 ? 6.074   -8.153  20.201  1.00 84.04 ? 10  DG  A "C5'" 1 
ATOM   182 C  "C4'" . DG  A 1 10 ? 6.336   -7.333  21.451  1.00 74.71 ? 10  DG  A "C4'" 1 
ATOM   183 O  "O4'" . DG  A 1 10 ? 6.059   -5.948  21.124  1.00 68.93 ? 10  DG  A "O4'" 1 
ATOM   184 C  "C3'" . DG  A 1 10 ? 5.423   -7.669  22.635  1.00 71.66 ? 10  DG  A "C3'" 1 
ATOM   185 O  "O3'" . DG  A 1 10 ? 5.967   -7.329  23.924  1.00 70.28 ? 10  DG  A "O3'" 1 
ATOM   186 C  "C2'" . DG  A 1 10 ? 4.272   -6.725  22.404  1.00 74.92 ? 10  DG  A "C2'" 1 
ATOM   187 C  "C1'" . DG  A 1 10 ? 5.063   -5.503  22.006  1.00 64.76 ? 10  DG  A "C1'" 1 
ATOM   188 N  N9    . DG  A 1 10 ? 4.277   -4.476  21.350  1.00 58.73 ? 10  DG  A N9    1 
ATOM   189 C  C8    . DG  A 1 10 ? 2.913   -4.332  21.406  1.00 64.35 ? 10  DG  A C8    1 
ATOM   190 N  N7    . DG  A 1 10 ? 2.491   -3.255  20.801  1.00 65.67 ? 10  DG  A N7    1 
ATOM   191 C  C5    . DG  A 1 10 ? 3.650   -2.634  20.359  1.00 49.25 ? 10  DG  A C5    1 
ATOM   192 C  C6    . DG  A 1 10 ? 3.825   -1.425  19.656  1.00 50.48 ? 10  DG  A C6    1 
ATOM   193 O  O6    . DG  A 1 10 ? 2.965   -0.628  19.272  1.00 56.24 ? 10  DG  A O6    1 
ATOM   194 N  N1    . DG  A 1 10 ? 5.165   -1.172  19.400  1.00 52.42 ? 10  DG  A N1    1 
ATOM   195 C  C2    . DG  A 1 10 ? 6.203   -1.985  19.765  1.00 47.61 ? 10  DG  A C2    1 
ATOM   196 N  N2    . DG  A 1 10 ? 7.423   -1.562  19.428  1.00 56.19 ? 10  DG  A N2    1 
ATOM   197 N  N3    . DG  A 1 10 ? 6.054   -3.122  20.421  1.00 47.52 ? 10  DG  A N3    1 
ATOM   198 C  C4    . DG  A 1 10 ? 4.759   -3.379  20.687  1.00 47.52 ? 10  DG  A C4    1 
HETATM 199 C  C53   . RML B 2 .  ? -11.595 1.313   -18.400 1.00 56.94 ? 101 RML A C53   1 
HETATM 200 C  C17   . RML B 2 .  ? -10.818 1.979   -17.275 1.00 54.97 ? 101 RML A C17   1 
HETATM 201 C  C18   . RML B 2 .  ? -10.267 3.202   -17.502 1.00 53.03 ? 101 RML A C18   1 
HETATM 202 C  C52   . RML B 2 .  ? -10.407 3.953   -18.809 1.00 54.46 ? 101 RML A C52   1 
HETATM 203 C  C14   . RML B 2 .  ? -9.567  3.806   -16.533 1.00 48.64 ? 101 RML A C14   1 
HETATM 204 C  C16   . RML B 2 .  ? -10.619 1.333   -16.024 1.00 51.42 ? 101 RML A C16   1 
HETATM 205 C  C15   . RML B 2 .  ? -9.890  1.982   -15.011 1.00 47.04 ? 101 RML A C15   1 
HETATM 206 N  N3    . RML B 2 .  ? -9.697  1.463   -13.820 1.00 48.34 ? 101 RML A N3    1 
HETATM 207 C  C13   . RML B 2 .  ? -9.380  3.224   -15.321 1.00 47.26 ? 101 RML A C13   1 
HETATM 208 N  N4    . RML B 2 .  ? -8.705  3.921   -14.439 1.00 45.02 ? 101 RML A N4    1 
HETATM 209 C  C7    . RML B 2 .  ? -8.491  3.376   -13.201 1.00 43.99 ? 101 RML A C7    1 
HETATM 210 C  C6    . RML B 2 .  ? -8.977  2.125   -12.884 1.00 45.94 ? 101 RML A C6    1 
HETATM 211 C  C5    . RML B 2 .  ? -8.714  1.607   -11.571 1.00 46.25 ? 101 RML A C5    1 
HETATM 212 C  C4    . RML B 2 .  ? -9.219  0.387   -11.248 1.00 52.30 ? 101 RML A C4    1 
HETATM 213 C  C3    . RML B 2 .  ? -8.956  -0.081  -9.987  1.00 53.77 ? 101 RML A C3    1 
HETATM 214 C  C2    . RML B 2 .  ? -8.194  0.630   -9.038  1.00 55.88 ? 101 RML A C2    1 
HETATM 215 C  C8    . RML B 2 .  ? -7.761  4.054   -12.238 1.00 44.02 ? 101 RML A C8    1 
HETATM 216 C  C10   . RML B 2 .  ? -7.507  3.496   -10.922 1.00 46.05 ? 101 RML A C10   1 
HETATM 217 C  C1    . RML B 2 .  ? -7.976  2.252   -10.557 1.00 46.72 ? 101 RML A C1    1 
HETATM 218 N  N2    . RML B 2 .  ? -7.693  1.855   -9.220  1.00 43.07 ? 101 RML A N2    1 
HETATM 219 N  N1    . RML B 2 .  ? -6.799  4.067   -9.910  1.00 48.15 ? 101 RML A N1    1 
HETATM 220 C  C12   . RML B 2 .  ? -6.350  5.337   -10.312 1.00 55.90 ? 101 RML A C12   1 
HETATM 221 C  C11   . RML B 2 .  ? -6.543  5.928   -11.544 1.00 48.53 ? 101 RML A C11   1 
HETATM 222 C  C9    . RML B 2 .  ? -7.259  5.298   -12.548 1.00 45.38 ? 101 RML A C9    1 
HETATM 223 RU RU    . RML B 2 .  ? -6.681  3.007   -8.372  1.00 52.59 ? 101 RML A RU    1 
HETATM 224 N  N8    . RML B 2 .  ? -5.499  4.130   -7.553  1.00 45.10 ? 101 RML A N8    1 
HETATM 225 C  C28   . RML B 2 .  ? -5.477  5.184   -6.748  1.00 52.65 ? 101 RML A C28   1 
HETATM 226 C  C27   . RML B 2 .  ? -4.347  5.911   -6.326  1.00 47.27 ? 101 RML A C27   1 
HETATM 227 N  N7    . RML B 2 .  ? -3.134  5.683   -6.719  1.00 40.90 ? 101 RML A N7    1 
HETATM 228 C  C26   . RML B 2 .  ? -4.224  3.961   -7.925  1.00 44.53 ? 101 RML A C26   1 
HETATM 229 C  C25   . RML B 2 .  ? -3.128  4.643   -7.514  1.00 40.65 ? 101 RML A C25   1 
HETATM 230 C  C24   . RML B 2 .  ? -1.921  4.334   -7.946  1.00 42.44 ? 101 RML A C24   1 
HETATM 231 C  C23   . RML B 2 .  ? -1.683  3.314   -8.821  1.00 44.10 ? 101 RML A C23   1 
HETATM 232 C  C22   . RML B 2 .  ? -2.729  2.592   -9.261  1.00 42.53 ? 101 RML A C22   1 
HETATM 233 N  N6    . RML B 2 .  ? -2.389  1.595   -10.088 1.00 41.92 ? 101 RML A N6    1 
HETATM 234 C  C19   . RML B 2 .  ? -4.025  2.905   -8.813  1.00 46.31 ? 101 RML A C19   1 
HETATM 235 N  N5    . RML B 2 .  ? -5.221  2.245   -9.107  1.00 48.95 ? 101 RML A N5    1 
HETATM 236 C  C20   . RML B 2 .  ? -4.803  1.272   -9.987  1.00 52.67 ? 101 RML A C20   1 
HETATM 237 C  C21   . RML B 2 .  ? -3.489  0.977   -10.419 1.00 38.33 ? 101 RML A C21   1 
HETATM 238 N  N12   . RML B 2 .  ? -6.553  1.923   -6.872  1.00 53.28 ? 101 RML A N12   1 
HETATM 239 C  C38   . RML B 2 .  ? -5.761  0.937   -6.436  1.00 53.97 ? 101 RML A C38   1 
HETATM 240 C  C37   . RML B 2 .  ? -5.898  0.363   -5.184  1.00 52.54 ? 101 RML A C37   1 
HETATM 241 N  N11   . RML B 2 .  ? -6.818  0.741   -4.333  1.00 50.74 ? 101 RML A N11   1 
HETATM 242 C  C36   . RML B 2 .  ? -7.460  2.277   -5.917  1.00 55.89 ? 101 RML A C36   1 
HETATM 243 C  C29   . RML B 2 .  ? -8.325  3.312   -6.284  1.00 51.56 ? 101 RML A C29   1 
HETATM 244 N  N9    . RML B 2 .  ? -8.142  3.747   -7.589  1.00 53.96 ? 101 RML A N9    1 
HETATM 245 C  C30   . RML B 2 .  ? -9.012  4.835   -7.811  1.00 50.86 ? 101 RML A C30   1 
HETATM 246 C  C31   . RML B 2 .  ? -10.024 5.193   -6.924  1.00 46.05 ? 101 RML A C31   1 
HETATM 247 C  C35   . RML B 2 .  ? -7.629  1.730   -4.660  1.00 51.04 ? 101 RML A C35   1 
HETATM 248 C  C34   . RML B 2 .  ? -8.652  2.136   -3.777  1.00 50.92 ? 101 RML A C34   1 
HETATM 249 C  C33   . RML B 2 .  ? -9.495  3.119   -4.168  1.00 49.01 ? 101 RML A C33   1 
HETATM 250 C  C32   . RML B 2 .  ? -9.329  3.676   -5.419  1.00 49.64 ? 101 RML A C32   1 
HETATM 251 N  N10   . RML B 2 .  ? -10.185 4.610   -5.719  1.00 47.73 ? 101 RML A N10   1 
HETATM 252 C  C53   . RML C 2 .  ? 5.707   3.785   0.141   0.50 54.45 ? 102 RML A C53   1 
HETATM 253 C  C17   . RML C 2 .  ? 5.420   2.430   -0.494  0.50 48.08 ? 102 RML A C17   1 
HETATM 254 C  C18   . RML C 2 .  ? 6.291   1.765   -1.313  0.50 46.14 ? 102 RML A C18   1 
HETATM 255 C  C52   . RML C 2 .  ? 7.668   2.315   -1.690  0.50 43.63 ? 102 RML A C52   1 
HETATM 256 C  C14   . RML C 2 .  ? 5.937   0.545   -1.830  0.50 43.00 ? 102 RML A C14   1 
HETATM 257 C  C16   . RML C 2 .  ? 4.183   1.866   -0.186  0.50 48.56 ? 102 RML A C16   1 
HETATM 258 C  C15   . RML C 2 .  ? 3.817   0.633   -0.714  0.50 47.19 ? 102 RML A C15   1 
HETATM 259 N  N3    . RML C 2 .  ? 2.647   0.157   -0.392  0.50 45.19 ? 102 RML A N3    1 
HETATM 260 C  C13   . RML C 2 .  ? 4.718   -0.020  -1.540  0.50 45.32 ? 102 RML A C13   1 
HETATM 261 N  N4    . RML C 2 .  ? 4.396   -1.202  -2.038  0.50 42.01 ? 102 RML A N4    1 
HETATM 262 C  C7    . RML C 2 .  ? 3.161   -1.712  -1.707  0.50 41.72 ? 102 RML A C7    1 
HETATM 263 C  C6    . RML C 2 .  ? 2.282   -1.017  -0.876  0.50 42.97 ? 102 RML A C6    1 
HETATM 264 C  C5    . RML C 2 .  ? 1.009   -1.539  -0.552  0.50 41.73 ? 102 RML A C5    1 
HETATM 265 C  C4    . RML C 2 .  ? 0.161   -0.826  0.288   0.50 40.40 ? 102 RML A C4    1 
HETATM 266 C  C3    . RML C 2 .  ? -1.048  -1.386  0.582   0.50 39.99 ? 102 RML A C3    1 
HETATM 267 C  C2    . RML C 2 .  ? -1.414  -2.633  0.033   0.50 44.20 ? 102 RML A C2    1 
HETATM 268 C  C8    . RML C 2 .  ? 2.759   -2.945  -2.213  0.50 40.40 ? 102 RML A C8    1 
HETATM 269 C  C10   . RML C 2 .  ? 1.487   -3.522  -1.905  0.50 44.18 ? 102 RML A C10   1 
HETATM 270 C  C1    . RML C 2 .  ? 0.602   -2.789  -1.065  0.50 46.14 ? 102 RML A C1    1 
HETATM 271 N  N2    . RML C 2 .  ? -0.613  -3.402  -0.777  0.50 47.87 ? 102 RML A N2    1 
HETATM 272 N  N1    . RML C 2 .  ? 1.016   -4.762  -2.315  0.50 49.09 ? 102 RML A N1    1 
HETATM 273 C  C12   . RML C 2 .  ? 1.902   -5.362  -3.164  0.50 49.45 ? 102 RML A C12   1 
HETATM 274 C  C11   . RML C 2 .  ? 3.122   -4.824  -3.477  0.50 46.46 ? 102 RML A C11   1 
HETATM 275 C  C9    . RML C 2 .  ? 3.607   -3.614  -3.030  0.50 39.98 ? 102 RML A C9    1 
HETATM 276 RU RU    . RML C 2 .  ? -0.746  -4.972  -1.696  0.50 65.21 ? 102 RML A RU    1 
HETATM 277 N  N8    . RML C 2 .  ? -0.736  -6.509  -2.798  0.50 65.55 ? 102 RML A N8    1 
HETATM 278 C  C28   . RML C 2 .  ? -0.358  -7.789  -2.748  0.50 80.28 ? 102 RML A C28   1 
HETATM 279 C  C27   . RML C 2 .  ? -0.446  -8.708  -3.833  0.50 84.08 ? 102 RML A C27   1 
HETATM 280 N  N7    . RML C 2 .  ? -0.866  -8.375  -5.065  0.50 76.03 ? 102 RML A N7    1 
HETATM 281 C  C26   . RML C 2 .  ? -1.117  -6.216  -4.100  0.50 67.98 ? 102 RML A C26   1 
HETATM 282 C  C25   . RML C 2 .  ? -1.192  -7.080  -5.151  0.50 68.91 ? 102 RML A C25   1 
HETATM 283 C  C24   . RML C 2 .  ? -1.623  -6.682  -6.370  0.50 68.12 ? 102 RML A C24   1 
HETATM 284 C  C23   . RML C 2 .  ? -2.010  -5.374  -6.594  0.50 66.75 ? 102 RML A C23   1 
HETATM 285 C  C22   . RML C 2 .  ? -1.963  -4.432  -5.566  0.50 65.40 ? 102 RML A C22   1 
HETATM 286 N  N6    . RML C 2 .  ? -2.366  -3.134  -5.836  0.50 63.23 ? 102 RML A N6    1 
HETATM 287 C  C19   . RML C 2 .  ? -1.515  -4.858  -4.309  0.50 68.00 ? 102 RML A C19   1 
HETATM 288 N  N5    . RML C 2 .  ? -1.418  -4.051  -3.156  0.50 63.00 ? 102 RML A N5    1 
HETATM 289 C  C20   . RML C 2 .  ? -1.826  -2.783  -3.497  0.50 60.71 ? 102 RML A C20   1 
HETATM 290 C  C21   . RML C 2 .  ? -2.274  -2.358  -4.757  0.50 56.97 ? 102 RML A C21   1 
HETATM 291 N  N12   . RML C 2 .  ? -2.406  -5.069  -0.732  0.50 56.25 ? 102 RML A N12   1 
HETATM 292 C  C38   . RML C 2 .  ? -3.608  -4.506  -0.970  0.50 64.02 ? 102 RML A C38   1 
HETATM 293 C  C37   . RML C 2 .  ? -4.731  -4.636  -0.110  0.50 63.94 ? 102 RML A C37   1 
HETATM 294 N  N11   . RML C 2 .  ? -4.737  -5.318  1.002   0.50 64.49 ? 102 RML A N11   1 
HETATM 295 C  C36   . RML C 2 .  ? -2.381  -5.671  0.472   0.50 57.86 ? 102 RML A C36   1 
HETATM 296 C  C29   . RML C 2 .  ? -1.105  -6.213  0.727   0.50 62.70 ? 102 RML A C29   1 
HETATM 297 N  N9    . RML C 2 .  ? -0.065  -5.898  -0.240  0.50 61.68 ? 102 RML A N9    1 
HETATM 298 C  C30   . RML C 2 .  ? 1.122   -6.560  0.134   0.50 61.57 ? 102 RML A C30   1 
HETATM 299 C  C31   . RML C 2 .  ? 1.218   -7.229  1.392   0.50 59.26 ? 102 RML A C31   1 
HETATM 300 C  C35   . RML C 2 .  ? -3.516  -5.847  1.331   0.50 56.93 ? 102 RML A C35   1 
HETATM 301 C  C34   . RML C 2 .  ? -3.415  -6.644  2.465   0.50 57.26 ? 102 RML A C34   1 
HETATM 302 C  C33   . RML C 2 .  ? -2.172  -7.119  2.784   0.50 59.50 ? 102 RML A C33   1 
HETATM 303 C  C32   . RML C 2 .  ? -0.986  -6.880  1.934   0.50 60.22 ? 102 RML A C32   1 
HETATM 304 N  N10   . RML C 2 .  ? 0.168   -7.404  2.269   0.50 63.38 ? 102 RML A N10   1 
HETATM 305 BA BA    . BA  D 3 .  ? 3.534   5.352   -4.985  1.00 57.07 ? 103 BA  A BA    1 
HETATM 306 O  O     . HOH E 4 .  ? 1.451   -8.529  20.110  1.00 58.60 ? 201 HOH A O     1 
HETATM 307 O  O     . HOH E 4 .  ? -2.518  -15.154 17.081  1.00 61.33 ? 202 HOH A O     1 
HETATM 308 O  O     . HOH E 4 .  ? -5.189  -19.967 13.146  1.00 63.49 ? 203 HOH A O     1 
HETATM 309 O  O     . HOH E 4 .  ? 15.913  7.210   -6.106  1.00 55.97 ? 204 HOH A O     1 
HETATM 310 O  O     . HOH E 4 .  ? -7.345  7.196   -4.961  1.00 49.09 ? 205 HOH A O     1 
HETATM 311 O  O     . HOH E 4 .  ? 20.104  7.154   -6.083  1.00 93.81 ? 206 HOH A O     1 
HETATM 312 O  O     . HOH E 4 .  ? 20.477  13.797  -8.403  1.00 60.45 ? 207 HOH A O     1 
HETATM 313 O  O     . HOH E 4 .  ? 17.683  12.891  -4.934  0.50 80.19 ? 208 HOH A O     1 
HETATM 314 O  O     . HOH E 4 .  ? -6.770  -8.602  11.853  1.00 57.59 ? 209 HOH A O     1 
HETATM 315 O  O     . HOH E 4 .  ? -6.061  -12.702 12.918  1.00 75.06 ? 210 HOH A O     1 
HETATM 316 O  O     . HOH E 4 .  ? -1.281  -14.355 13.091  1.00 59.42 ? 211 HOH A O     1 
HETATM 317 O  O     . HOH E 4 .  ? -4.568  -17.515 9.818   1.00 66.66 ? 212 HOH A O     1 
HETATM 318 O  O     . HOH E 4 .  ? 19.504  6.945   -11.192 1.00 87.06 ? 213 HOH A O     1 
# 
